data_2OX0
#
_entry.id   2OX0
#
_cell.length_a   101.210
_cell.length_b   150.004
_cell.length_c   57.228
_cell.angle_alpha   90.00
_cell.angle_beta   90.00
_cell.angle_gamma   90.00
#
_symmetry.space_group_name_H-M   'P 21 21 2'
#
loop_
_entity.id
_entity.type
_entity.pdbx_description
1 polymer 'JmjC domain-containing histone demethylation protein 3A'
2 polymer 'synthetic peptide'
3 non-polymer 'NICKEL (II) ION'
4 non-polymer 'ZINC ION'
5 non-polymer 'CHLORIDE ION'
6 non-polymer N-OXALYLGLYCINE
7 water water
#
loop_
_entity_poly.entity_id
_entity_poly.type
_entity_poly.pdbx_seq_one_letter_code
_entity_poly.pdbx_strand_id
1 'polypeptide(L)'
;MHHHHHHSSGVDLGTENLYFQSMASESETLNPSARIMTFYPTMEEFRNFSRYIAYIESQGAHRAGLAKVVPPKEWKPRAS
YDDIDDLVIPAPIQQLVTGQSGLFTQYNIQKKAMTVREFRKIANSDKYCTPRYSEFEELERKYWKNLTFNPPIYGADVNG
TLYEKHVDEWNIGRLRTILDLVEKESGITIEGVNTPYLYFGMWKTSFAWHTEDMDLYSINYLHFGEPKSWYSVPPEHGKR
LERLAKGFFPGSAQSCEAFLRHKMTLISPLMLKKYGIPFDKVTQEAGEFMITFPYGYHAGFNHGFNCAESTNFATRRWIE
YGKQAVLCSCRKDMVKISMDVFVRKFQPERYKLWKAGKDNTVIDHTLPTPEAAEFLKESEL
;
A,B
2 'polypeptide(L)' AR(MLY)STGG(ALY) C,D
#
loop_
_chem_comp.id
_chem_comp.type
_chem_comp.name
_chem_comp.formula
CL non-polymer 'CHLORIDE ION' 'Cl -1'
NI non-polymer 'NICKEL (II) ION' 'Ni 2'
OGA non-polymer N-OXALYLGLYCINE 'C4 H5 N O5'
ZN non-polymer 'ZINC ION' 'Zn 2'
#
# COMPACT_ATOMS: atom_id res chain seq x y z
N THR A 29 -7.88 -13.70 -12.62
CA THR A 29 -7.45 -14.18 -13.96
C THR A 29 -7.31 -13.01 -14.95
N LEU A 30 -8.37 -12.22 -15.07
CA LEU A 30 -8.40 -11.08 -15.99
C LEU A 30 -8.04 -9.77 -15.27
N ASN A 31 -7.44 -8.84 -16.01
CA ASN A 31 -6.91 -7.59 -15.46
C ASN A 31 -6.07 -7.80 -14.19
N PRO A 32 -5.02 -8.65 -14.28
CA PRO A 32 -4.17 -8.97 -13.11
C PRO A 32 -3.47 -7.75 -12.49
N SER A 33 -3.23 -6.71 -13.28
CA SER A 33 -2.67 -5.45 -12.78
C SER A 33 -3.69 -4.56 -12.06
N ALA A 34 -4.98 -4.87 -12.23
CA ALA A 34 -6.07 -4.10 -11.63
C ALA A 34 -6.03 -2.63 -12.04
N ARG A 35 -5.60 -2.35 -13.27
CA ARG A 35 -5.60 -1.00 -13.80
C ARG A 35 -6.99 -0.58 -14.30
N ILE A 36 -7.25 0.73 -14.31
CA ILE A 36 -8.51 1.28 -14.81
C ILE A 36 -8.63 1.07 -16.32
N MET A 37 -9.74 0.45 -16.73
CA MET A 37 -10.00 0.14 -18.12
C MET A 37 -11.02 1.10 -18.71
N THR A 38 -10.90 1.31 -20.03
CA THR A 38 -11.80 2.18 -20.78
C THR A 38 -12.43 1.36 -21.89
N PHE A 39 -13.74 1.55 -22.07
CA PHE A 39 -14.55 0.75 -23.00
C PHE A 39 -15.30 1.65 -24.00
N TYR A 40 -15.37 1.18 -25.24
CA TYR A 40 -16.02 1.91 -26.35
C TYR A 40 -17.12 1.06 -26.99
N PRO A 41 -18.25 0.90 -26.29
CA PRO A 41 -19.34 0.08 -26.83
C PRO A 41 -19.98 0.64 -28.10
N THR A 42 -20.38 -0.25 -28.99
CA THR A 42 -21.26 0.11 -30.09
C THR A 42 -22.64 0.38 -29.49
N MET A 43 -23.52 1.00 -30.29
CA MET A 43 -24.87 1.31 -29.83
C MET A 43 -25.63 0.04 -29.48
N GLU A 44 -25.34 -1.06 -30.18
CA GLU A 44 -25.99 -2.35 -29.92
C GLU A 44 -25.55 -2.92 -28.56
N GLU A 45 -24.26 -2.83 -28.26
CA GLU A 45 -23.72 -3.26 -26.97
C GLU A 45 -24.21 -2.35 -25.83
N PHE A 46 -24.32 -1.07 -26.13
CA PHE A 46 -24.66 -0.02 -25.16
C PHE A 46 -26.10 -0.15 -24.63
N ARG A 47 -27.01 -0.70 -25.45
CA ARG A 47 -28.45 -0.64 -25.15
C ARG A 47 -28.84 -1.25 -23.81
N ASN A 48 -28.34 -2.45 -23.50
CA ASN A 48 -28.70 -3.11 -22.24
C ASN A 48 -27.66 -2.83 -21.14
N PHE A 49 -27.99 -1.89 -20.25
CA PHE A 49 -27.06 -1.43 -19.23
C PHE A 49 -26.52 -2.54 -18.34
N SER A 50 -27.41 -3.28 -17.69
CA SER A 50 -26.98 -4.34 -16.75
C SER A 50 -26.11 -5.37 -17.46
N ARG A 51 -26.50 -5.72 -18.67
CA ARG A 51 -25.74 -6.65 -19.49
C ARG A 51 -24.33 -6.14 -19.78
N TYR A 52 -24.18 -4.84 -20.05
CA TYR A 52 -22.85 -4.31 -20.37
C TYR A 52 -21.95 -4.25 -19.14
N ILE A 53 -22.51 -4.03 -17.96
CA ILE A 53 -21.75 -4.08 -16.71
C ILE A 53 -21.19 -5.49 -16.50
N ALA A 54 -22.03 -6.49 -16.73
CA ALA A 54 -21.61 -7.89 -16.69
C ALA A 54 -20.45 -8.14 -17.66
N TYR A 55 -20.54 -7.55 -18.85
CA TYR A 55 -19.48 -7.68 -19.82
C TYR A 55 -18.16 -7.04 -19.35
N ILE A 56 -18.19 -5.79 -18.88
CA ILE A 56 -16.94 -5.16 -18.48
C ILE A 56 -16.30 -5.93 -17.32
N GLU A 57 -17.14 -6.46 -16.43
CA GLU A 57 -16.65 -7.35 -15.37
C GLU A 57 -16.03 -8.64 -15.91
N SER A 58 -16.56 -9.21 -16.99
CA SER A 58 -15.94 -10.38 -17.63
C SER A 58 -14.54 -10.08 -18.18
N GLN A 59 -14.27 -8.80 -18.44
CA GLN A 59 -12.96 -8.35 -18.87
C GLN A 59 -12.07 -7.91 -17.70
N GLY A 60 -12.55 -8.05 -16.47
CA GLY A 60 -11.78 -7.71 -15.27
C GLY A 60 -11.82 -6.27 -14.78
N ALA A 61 -12.71 -5.45 -15.37
CA ALA A 61 -12.76 -4.00 -15.08
C ALA A 61 -12.95 -3.67 -13.60
N HIS A 62 -13.80 -4.44 -12.93
CA HIS A 62 -14.10 -4.26 -11.52
C HIS A 62 -12.89 -4.32 -10.60
N ARG A 63 -11.84 -5.03 -11.00
CA ARG A 63 -10.64 -5.15 -10.18
C ARG A 63 -9.98 -3.80 -9.90
N ALA A 64 -10.10 -2.85 -10.83
CA ALA A 64 -9.56 -1.50 -10.63
C ALA A 64 -10.38 -0.67 -9.61
N GLY A 65 -11.66 -0.99 -9.48
CA GLY A 65 -12.57 -0.25 -8.60
C GLY A 65 -13.31 0.85 -9.35
N LEU A 66 -12.80 1.17 -10.54
CA LEU A 66 -13.27 2.26 -11.37
C LEU A 66 -13.05 1.93 -12.85
N ALA A 67 -14.03 2.23 -13.71
CA ALA A 67 -13.91 2.04 -15.16
C ALA A 67 -14.53 3.21 -15.90
N LYS A 68 -14.02 3.47 -17.10
CA LYS A 68 -14.61 4.47 -17.98
C LYS A 68 -15.32 3.77 -19.12
N VAL A 69 -16.50 4.28 -19.46
CA VAL A 69 -17.24 3.83 -20.64
C VAL A 69 -17.54 5.06 -21.51
N VAL A 70 -16.99 5.06 -22.73
CA VAL A 70 -17.21 6.12 -23.69
C VAL A 70 -18.38 5.69 -24.57
N PRO A 71 -19.51 6.40 -24.49
CA PRO A 71 -20.69 5.95 -25.24
C PRO A 71 -20.55 6.23 -26.73
N PRO A 72 -21.36 5.54 -27.55
CA PRO A 72 -21.24 5.74 -29.01
C PRO A 72 -21.53 7.17 -29.41
N LYS A 73 -20.89 7.62 -30.50
CA LYS A 73 -20.99 9.02 -30.95
C LYS A 73 -22.43 9.46 -31.23
N GLU A 74 -23.26 8.52 -31.69
CA GLU A 74 -24.66 8.81 -32.02
C GLU A 74 -25.47 9.18 -30.79
N TRP A 75 -25.04 8.70 -29.63
CA TRP A 75 -25.81 8.84 -28.41
C TRP A 75 -25.68 10.21 -27.75
N LYS A 76 -26.82 10.76 -27.35
CA LYS A 76 -26.89 12.02 -26.62
C LYS A 76 -28.06 11.94 -25.62
N PRO A 77 -27.84 12.31 -24.34
CA PRO A 77 -28.92 12.21 -23.35
C PRO A 77 -29.87 13.42 -23.35
N ARG A 78 -29.45 14.51 -23.99
CA ARG A 78 -30.18 15.76 -24.00
C ARG A 78 -29.76 16.53 -25.24
N ALA A 79 -30.73 17.16 -25.91
CA ALA A 79 -30.46 17.92 -27.14
C ALA A 79 -29.66 19.19 -26.86
N SER A 80 -30.02 19.92 -25.80
CA SER A 80 -29.27 21.12 -25.44
C SER A 80 -29.34 21.44 -23.95
N TYR A 81 -28.28 22.09 -23.45
CA TYR A 81 -28.18 22.51 -22.06
C TYR A 81 -28.36 24.03 -21.92
N ASP A 82 -29.14 24.61 -22.83
CA ASP A 82 -29.34 26.06 -22.88
C ASP A 82 -30.41 26.57 -21.90
N ASP A 83 -31.18 25.64 -21.35
CA ASP A 83 -32.42 25.98 -20.64
C ASP A 83 -32.36 25.72 -19.13
N ILE A 84 -31.17 25.67 -18.56
CA ILE A 84 -31.03 25.24 -17.17
C ILE A 84 -30.49 26.32 -16.24
N ASP A 85 -30.33 27.55 -16.73
CA ASP A 85 -29.78 28.63 -15.91
C ASP A 85 -30.66 28.94 -14.69
N ASP A 86 -31.96 28.70 -14.83
CA ASP A 86 -32.94 28.93 -13.76
C ASP A 86 -33.04 27.74 -12.77
N LEU A 87 -32.44 26.60 -13.10
CA LEU A 87 -32.40 25.45 -12.18
C LEU A 87 -31.80 25.89 -10.83
N VAL A 88 -32.48 25.54 -9.73
CA VAL A 88 -32.05 25.92 -8.39
C VAL A 88 -31.14 24.86 -7.75
N ILE A 89 -30.04 25.33 -7.19
CA ILE A 89 -29.15 24.53 -6.34
C ILE A 89 -29.55 24.89 -4.90
N PRO A 90 -30.39 24.05 -4.25
CA PRO A 90 -30.95 24.43 -2.95
C PRO A 90 -29.94 24.56 -1.78
N ALA A 91 -28.85 23.80 -1.83
CA ALA A 91 -27.93 23.78 -0.71
C ALA A 91 -26.49 23.65 -1.20
N PRO A 92 -25.93 24.71 -1.80
CA PRO A 92 -24.54 24.65 -2.25
C PRO A 92 -23.63 24.59 -1.02
N ILE A 93 -22.48 23.94 -1.17
CA ILE A 93 -21.57 23.76 -0.05
C ILE A 93 -20.22 24.43 -0.32
N GLN A 94 -19.76 25.27 0.62
CA GLN A 94 -18.42 25.83 0.58
C GLN A 94 -17.47 24.80 1.22
N GLN A 95 -16.40 24.46 0.52
CA GLN A 95 -15.47 23.38 0.93
C GLN A 95 -14.22 23.93 1.62
N LEU A 96 -14.28 24.00 2.94
CA LEU A 96 -13.13 24.42 3.74
C LEU A 96 -12.21 23.20 3.99
N VAL A 97 -10.94 23.30 3.60
CA VAL A 97 -10.01 22.18 3.74
C VAL A 97 -8.86 22.59 4.68
N THR A 98 -8.60 21.71 5.65
CA THR A 98 -7.52 21.89 6.62
C THR A 98 -6.55 20.69 6.55
N GLY A 99 -5.25 20.98 6.57
CA GLY A 99 -4.22 19.96 6.63
C GLY A 99 -2.94 20.33 5.92
N GLN A 100 -2.06 19.34 5.76
CA GLN A 100 -0.74 19.54 5.19
C GLN A 100 -0.13 18.18 4.85
N SER A 101 0.91 18.19 4.02
CA SER A 101 1.73 17.01 3.77
C SER A 101 0.89 15.82 3.28
N GLY A 102 -0.01 16.11 2.35
CA GLY A 102 -0.86 15.12 1.71
C GLY A 102 -2.04 14.57 2.47
N LEU A 103 -2.27 15.05 3.70
CA LEU A 103 -3.37 14.60 4.54
C LEU A 103 -4.24 15.79 4.93
N PHE A 104 -5.53 15.72 4.58
CA PHE A 104 -6.47 16.82 4.80
C PHE A 104 -7.83 16.35 5.29
N THR A 105 -8.51 17.26 5.98
CA THR A 105 -9.91 17.10 6.33
C THR A 105 -10.75 18.23 5.71
N GLN A 106 -11.79 17.84 4.98
CA GLN A 106 -12.67 18.77 4.27
C GLN A 106 -13.98 19.00 5.02
N TYR A 107 -14.27 20.27 5.33
CA TYR A 107 -15.52 20.66 5.99
C TYR A 107 -16.47 21.32 4.98
N ASN A 108 -17.65 20.71 4.79
CA ASN A 108 -18.60 21.15 3.77
C ASN A 108 -19.67 22.01 4.42
N ILE A 109 -19.59 23.32 4.17
CA ILE A 109 -20.49 24.31 4.79
C ILE A 109 -21.64 24.74 3.85
N GLN A 110 -22.87 24.43 4.26
CA GLN A 110 -24.05 24.78 3.47
C GLN A 110 -24.26 26.28 3.38
N LYS A 111 -24.30 26.79 2.15
CA LYS A 111 -24.63 28.18 1.86
C LYS A 111 -26.08 28.28 1.40
N LYS A 112 -26.55 29.52 1.19
CA LYS A 112 -27.93 29.76 0.77
C LYS A 112 -28.15 29.29 -0.68
N ALA A 113 -29.39 28.91 -0.99
CA ALA A 113 -29.73 28.47 -2.34
C ALA A 113 -29.23 29.46 -3.38
N MET A 114 -28.87 28.96 -4.56
CA MET A 114 -28.57 29.82 -5.70
C MET A 114 -28.95 29.13 -7.01
N THR A 115 -29.04 29.89 -8.09
CA THR A 115 -29.38 29.34 -9.41
C THR A 115 -28.12 28.88 -10.14
N VAL A 116 -28.28 28.05 -11.17
CA VAL A 116 -27.11 27.65 -12.00
C VAL A 116 -26.46 28.87 -12.67
N ARG A 117 -27.26 29.84 -13.10
CA ARG A 117 -26.73 31.10 -13.66
C ARG A 117 -25.83 31.83 -12.67
N GLU A 118 -26.29 31.93 -11.42
CA GLU A 118 -25.50 32.50 -10.31
C GLU A 118 -24.25 31.70 -9.97
N PHE A 119 -24.35 30.37 -10.01
CA PHE A 119 -23.21 29.49 -9.74
C PHE A 119 -22.14 29.61 -10.83
N ARG A 120 -22.57 29.51 -12.10
CA ARG A 120 -21.62 29.61 -13.21
C ARG A 120 -20.83 30.92 -13.20
N LYS A 121 -21.48 32.02 -12.83
CA LYS A 121 -20.82 33.34 -12.80
C LYS A 121 -19.66 33.27 -11.82
N ILE A 122 -19.94 32.78 -10.62
CA ILE A 122 -18.92 32.66 -9.58
C ILE A 122 -17.80 31.70 -10.03
N ALA A 123 -18.20 30.53 -10.56
CA ALA A 123 -17.24 29.51 -11.03
C ALA A 123 -16.25 30.03 -12.08
N ASN A 124 -16.71 30.89 -12.98
CA ASN A 124 -15.88 31.39 -14.06
C ASN A 124 -15.20 32.74 -13.74
N SER A 125 -15.52 33.35 -12.60
CA SER A 125 -14.93 34.64 -12.22
C SER A 125 -13.46 34.47 -11.94
N ASP A 126 -12.72 35.58 -11.97
CA ASP A 126 -11.27 35.58 -11.80
C ASP A 126 -10.84 34.92 -10.50
N LYS A 127 -11.68 35.07 -9.48
CA LYS A 127 -11.38 34.58 -8.14
C LYS A 127 -11.40 33.06 -8.03
N TYR A 128 -12.27 32.41 -8.80
CA TYR A 128 -12.50 30.96 -8.66
C TYR A 128 -12.14 30.12 -9.88
N CYS A 129 -11.82 30.76 -11.00
CA CYS A 129 -11.66 30.03 -12.27
C CYS A 129 -10.40 29.15 -12.31
N THR A 130 -10.37 28.19 -13.23
CA THR A 130 -9.25 27.26 -13.39
C THR A 130 -7.96 28.04 -13.65
N PRO A 131 -6.86 27.68 -12.97
CA PRO A 131 -5.59 28.30 -13.32
C PRO A 131 -5.04 27.86 -14.68
N ARG A 132 -4.14 28.67 -15.24
CA ARG A 132 -3.45 28.33 -16.49
C ARG A 132 -2.45 27.21 -16.23
N TYR A 133 -2.36 26.27 -17.16
CA TYR A 133 -1.46 25.13 -17.02
C TYR A 133 -1.24 24.44 -18.37
N SER A 134 -0.19 23.62 -18.44
CA SER A 134 0.23 22.99 -19.67
C SER A 134 -0.21 21.53 -19.73
N GLU A 135 0.47 20.67 -18.95
CA GLU A 135 0.11 19.25 -18.87
C GLU A 135 -0.77 18.99 -17.63
N PHE A 136 -1.56 17.92 -17.68
CA PHE A 136 -2.46 17.60 -16.57
C PHE A 136 -1.71 17.47 -15.23
N GLU A 137 -0.53 16.85 -15.28
CA GLU A 137 0.30 16.70 -14.08
C GLU A 137 0.60 18.05 -13.40
N GLU A 138 0.61 19.12 -14.18
CA GLU A 138 0.77 20.48 -13.64
C GLU A 138 -0.48 20.92 -12.89
N LEU A 139 -1.67 20.65 -13.47
CA LEU A 139 -2.92 21.02 -12.82
C LEU A 139 -3.10 20.24 -11.51
N GLU A 140 -2.75 18.96 -11.55
CA GLU A 140 -2.80 18.10 -10.36
C GLU A 140 -1.89 18.61 -9.22
N ARG A 141 -0.66 19.02 -9.55
CA ARG A 141 0.23 19.59 -8.54
C ARG A 141 -0.36 20.88 -7.92
N LYS A 142 -0.95 21.72 -8.77
CA LYS A 142 -1.61 22.96 -8.30
C LYS A 142 -2.80 22.64 -7.40
N TYR A 143 -3.57 21.60 -7.75
CA TYR A 143 -4.67 21.14 -6.88
C TYR A 143 -4.16 20.80 -5.47
N TRP A 144 -3.14 19.95 -5.40
CA TRP A 144 -2.63 19.48 -4.11
C TRP A 144 -1.85 20.54 -3.34
N LYS A 145 -1.34 21.55 -4.05
CA LYS A 145 -0.66 22.69 -3.46
C LYS A 145 -1.65 23.71 -2.88
N ASN A 146 -2.78 23.90 -3.56
CA ASN A 146 -3.68 25.01 -3.26
C ASN A 146 -5.04 24.66 -2.66
N LEU A 147 -5.30 23.38 -2.40
CA LEU A 147 -6.64 22.96 -2.01
C LEU A 147 -7.14 23.52 -0.67
N THR A 148 -6.23 23.96 0.20
CA THR A 148 -6.62 24.60 1.48
C THR A 148 -6.87 26.12 1.35
N PHE A 149 -6.56 26.71 0.20
CA PHE A 149 -6.73 28.15 -0.04
C PHE A 149 -7.98 28.45 -0.88
N ASN A 150 -8.55 29.63 -0.64
CA ASN A 150 -9.67 30.13 -1.42
C ASN A 150 -10.78 29.11 -1.60
N PRO A 151 -11.42 28.71 -0.49
CA PRO A 151 -12.37 27.59 -0.51
C PRO A 151 -13.48 27.79 -1.54
N PRO A 152 -13.67 26.80 -2.44
CA PRO A 152 -14.71 26.90 -3.46
C PRO A 152 -16.10 26.47 -2.97
N ILE A 153 -17.07 26.65 -3.86
CA ILE A 153 -18.44 26.21 -3.64
C ILE A 153 -18.71 25.08 -4.60
N TYR A 154 -19.24 23.98 -4.06
CA TYR A 154 -19.62 22.83 -4.87
C TYR A 154 -21.15 22.77 -4.86
N GLY A 155 -21.75 22.86 -6.04
CA GLY A 155 -23.20 22.72 -6.18
C GLY A 155 -23.59 21.23 -6.20
N ALA A 156 -23.36 20.55 -5.08
CA ALA A 156 -23.49 19.09 -4.96
C ALA A 156 -24.89 18.62 -4.54
N ASP A 157 -25.16 17.34 -4.81
CA ASP A 157 -26.33 16.63 -4.27
C ASP A 157 -27.69 17.25 -4.62
N VAL A 158 -27.82 17.75 -5.85
CA VAL A 158 -29.06 18.35 -6.30
C VAL A 158 -29.97 17.25 -6.84
N ASN A 159 -31.19 17.13 -6.29
CA ASN A 159 -32.15 16.15 -6.79
C ASN A 159 -32.56 16.52 -8.20
N GLY A 160 -32.35 15.60 -9.14
CA GLY A 160 -32.74 15.86 -10.51
C GLY A 160 -31.98 15.08 -11.55
N THR A 161 -32.47 15.21 -12.78
CA THR A 161 -31.90 14.56 -13.95
C THR A 161 -31.94 15.54 -15.12
N LEU A 162 -30.92 15.49 -15.96
CA LEU A 162 -30.90 16.26 -17.20
C LEU A 162 -31.11 15.36 -18.43
N TYR A 163 -31.43 14.09 -18.21
CA TYR A 163 -31.83 13.19 -19.29
C TYR A 163 -33.22 13.56 -19.81
N GLU A 164 -33.38 13.54 -21.12
CA GLU A 164 -34.70 13.64 -21.71
C GLU A 164 -35.47 12.33 -21.49
N LYS A 165 -36.79 12.45 -21.31
CA LYS A 165 -37.66 11.34 -20.91
C LYS A 165 -37.68 10.13 -21.86
N HIS A 166 -37.38 10.36 -23.14
CA HIS A 166 -37.38 9.31 -24.16
C HIS A 166 -36.10 8.45 -24.21
N VAL A 167 -35.05 8.91 -23.54
CA VAL A 167 -33.73 8.25 -23.61
C VAL A 167 -33.74 6.91 -22.84
N ASP A 168 -33.62 5.81 -23.56
CA ASP A 168 -33.78 4.48 -22.97
C ASP A 168 -32.44 3.84 -22.60
N GLU A 169 -31.33 4.40 -23.09
CA GLU A 169 -30.02 3.80 -22.92
C GLU A 169 -29.24 4.52 -21.82
N TRP A 170 -28.87 3.76 -20.79
CA TRP A 170 -28.03 4.27 -19.69
C TRP A 170 -28.65 5.51 -19.03
N ASN A 171 -29.96 5.47 -18.83
CA ASN A 171 -30.69 6.56 -18.22
C ASN A 171 -30.58 6.47 -16.71
N ILE A 172 -29.86 7.42 -16.11
CA ILE A 172 -29.50 7.36 -14.69
C ILE A 172 -30.74 7.37 -13.78
N GLY A 173 -31.86 7.87 -14.30
CA GLY A 173 -33.14 7.81 -13.58
C GLY A 173 -33.85 6.46 -13.62
N ARG A 174 -33.45 5.57 -14.52
CA ARG A 174 -34.06 4.24 -14.66
C ARG A 174 -33.13 3.21 -15.34
N LEU A 175 -32.11 2.79 -14.61
CA LEU A 175 -31.11 1.82 -15.11
C LEU A 175 -31.61 0.36 -15.11
N ARG A 176 -32.68 0.09 -14.37
CA ARG A 176 -33.30 -1.23 -14.29
C ARG A 176 -32.37 -2.31 -13.75
N THR A 177 -31.72 -2.03 -12.62
CA THR A 177 -30.90 -3.04 -11.96
C THR A 177 -31.67 -3.59 -10.76
N ILE A 178 -31.14 -4.64 -10.13
CA ILE A 178 -31.79 -5.25 -8.97
C ILE A 178 -31.86 -4.33 -7.73
N LEU A 179 -31.13 -3.21 -7.72
CA LEU A 179 -31.34 -2.17 -6.69
C LEU A 179 -32.81 -1.70 -6.65
N ASP A 180 -33.50 -1.78 -7.78
CA ASP A 180 -34.95 -1.50 -7.86
C ASP A 180 -35.81 -2.30 -6.88
N LEU A 181 -35.32 -3.44 -6.39
CA LEU A 181 -36.06 -4.25 -5.42
C LEU A 181 -36.34 -3.49 -4.14
N VAL A 182 -35.49 -2.54 -3.79
CA VAL A 182 -35.71 -1.76 -2.57
C VAL A 182 -37.03 -1.00 -2.65
N GLU A 183 -37.18 -0.12 -3.64
CA GLU A 183 -38.44 0.61 -3.82
C GLU A 183 -39.61 -0.33 -4.17
N LYS A 184 -39.38 -1.32 -5.04
CA LYS A 184 -40.47 -2.20 -5.47
C LYS A 184 -41.09 -2.95 -4.30
N GLU A 185 -40.27 -3.46 -3.39
CA GLU A 185 -40.76 -4.31 -2.30
C GLU A 185 -41.18 -3.52 -1.06
N SER A 186 -40.50 -2.42 -0.80
CA SER A 186 -40.66 -1.68 0.46
C SER A 186 -41.26 -0.28 0.31
N GLY A 187 -41.23 0.25 -0.91
CA GLY A 187 -41.69 1.62 -1.18
C GLY A 187 -40.67 2.70 -0.83
N ILE A 188 -39.50 2.30 -0.35
CA ILE A 188 -38.50 3.22 0.14
C ILE A 188 -37.67 3.88 -0.97
N THR A 189 -37.62 5.21 -0.91
CA THR A 189 -36.80 6.05 -1.78
C THR A 189 -35.68 6.60 -0.92
N ILE A 190 -34.46 6.51 -1.41
CA ILE A 190 -33.27 7.03 -0.76
C ILE A 190 -32.61 7.97 -1.75
N GLU A 191 -32.79 9.28 -1.58
CA GLU A 191 -32.32 10.27 -2.56
C GLU A 191 -30.81 10.13 -2.85
N GLY A 192 -30.48 10.09 -4.14
CA GLY A 192 -29.13 9.92 -4.63
C GLY A 192 -28.68 8.46 -4.78
N VAL A 193 -29.38 7.55 -4.11
CA VAL A 193 -29.01 6.16 -4.07
C VAL A 193 -29.87 5.39 -5.09
N ASN A 194 -31.19 5.46 -4.94
CA ASN A 194 -32.13 4.97 -5.96
C ASN A 194 -32.89 6.09 -6.68
N THR A 195 -32.36 7.31 -6.58
CA THR A 195 -32.78 8.45 -7.41
C THR A 195 -31.53 9.23 -7.86
N PRO A 196 -31.66 10.06 -8.92
CA PRO A 196 -30.49 10.79 -9.43
C PRO A 196 -30.13 12.10 -8.74
N TYR A 197 -28.83 12.39 -8.73
CA TYR A 197 -28.27 13.64 -8.24
C TYR A 197 -27.51 14.37 -9.34
N LEU A 198 -27.59 15.70 -9.33
CA LEU A 198 -26.74 16.53 -10.16
C LEU A 198 -25.64 17.18 -9.31
N TYR A 199 -24.48 17.40 -9.92
CA TYR A 199 -23.34 18.04 -9.28
C TYR A 199 -22.77 19.15 -10.18
N PHE A 200 -22.92 20.39 -9.73
CA PHE A 200 -22.34 21.52 -10.43
C PHE A 200 -21.01 21.87 -9.79
N GLY A 201 -19.94 21.68 -10.56
CA GLY A 201 -18.59 21.84 -10.07
C GLY A 201 -17.95 23.15 -10.51
N MET A 202 -16.97 23.58 -9.72
CA MET A 202 -16.03 24.61 -10.14
C MET A 202 -14.63 24.09 -9.84
N TRP A 203 -13.62 24.85 -10.27
CA TRP A 203 -12.22 24.48 -10.03
C TRP A 203 -11.95 24.15 -8.56
N LYS A 204 -11.25 23.04 -8.33
CA LYS A 204 -10.75 22.70 -7.00
C LYS A 204 -11.85 22.20 -6.03
N THR A 205 -13.08 22.03 -6.51
CA THR A 205 -14.10 21.32 -5.73
C THR A 205 -13.72 19.84 -5.73
N SER A 206 -13.97 19.17 -4.61
CA SER A 206 -13.43 17.83 -4.37
C SER A 206 -14.44 16.86 -3.81
N PHE A 207 -14.21 15.57 -4.10
CA PHE A 207 -14.88 14.48 -3.40
C PHE A 207 -13.84 13.65 -2.63
N ALA A 208 -14.11 13.49 -1.34
CA ALA A 208 -13.23 12.77 -0.43
C ALA A 208 -13.19 11.27 -0.73
N TRP A 209 -12.16 10.59 -0.19
CA TRP A 209 -12.03 9.13 -0.31
C TRP A 209 -13.27 8.43 0.30
N HIS A 210 -13.92 7.59 -0.51
CA HIS A 210 -15.06 6.82 -0.04
C HIS A 210 -15.38 5.64 -0.95
N THR A 211 -16.13 4.71 -0.38
CA THR A 211 -16.89 3.76 -1.17
C THR A 211 -18.34 4.23 -1.08
N GLU A 212 -19.20 3.66 -1.92
CA GLU A 212 -20.61 4.05 -1.91
C GLU A 212 -21.33 3.54 -0.68
N ASP A 213 -22.46 4.16 -0.38
CA ASP A 213 -23.33 3.66 0.67
C ASP A 213 -23.65 2.20 0.40
N MET A 214 -23.63 1.39 1.47
CA MET A 214 -23.82 -0.08 1.39
C MET A 214 -22.84 -0.78 0.43
N ASP A 215 -21.73 -0.11 0.11
CA ASP A 215 -20.76 -0.57 -0.90
C ASP A 215 -21.36 -0.95 -2.27
N LEU A 216 -22.33 -0.14 -2.70
CA LEU A 216 -22.95 -0.24 -4.01
C LEU A 216 -22.00 0.20 -5.14
N TYR A 217 -22.43 -0.06 -6.37
CA TYR A 217 -21.81 0.51 -7.55
C TYR A 217 -22.31 1.94 -7.66
N SER A 218 -21.60 2.74 -8.43
CA SER A 218 -22.14 4.03 -8.85
C SER A 218 -21.88 4.25 -10.33
N ILE A 219 -22.69 5.13 -10.90
CA ILE A 219 -22.57 5.58 -12.28
C ILE A 219 -22.47 7.10 -12.23
N ASN A 220 -21.59 7.64 -13.06
CA ASN A 220 -21.36 9.09 -13.09
C ASN A 220 -21.22 9.53 -14.55
N TYR A 221 -22.13 10.39 -15.01
CA TYR A 221 -22.07 10.96 -16.36
C TYR A 221 -21.74 12.43 -16.34
N LEU A 222 -20.68 12.82 -17.03
CA LEU A 222 -20.33 14.24 -17.15
C LEU A 222 -21.08 14.85 -18.33
N HIS A 223 -22.16 15.57 -18.02
CA HIS A 223 -23.06 16.17 -19.02
C HIS A 223 -22.37 17.24 -19.86
N PHE A 224 -21.68 18.16 -19.20
CA PHE A 224 -20.96 19.23 -19.91
C PHE A 224 -19.90 19.84 -19.00
N GLY A 225 -19.04 20.66 -19.61
CA GLY A 225 -18.06 21.45 -18.88
C GLY A 225 -16.66 20.86 -18.83
N GLU A 226 -15.87 21.34 -17.86
CA GLU A 226 -14.48 20.94 -17.71
C GLU A 226 -14.38 19.55 -17.06
N PRO A 227 -13.21 18.88 -17.20
CA PRO A 227 -13.08 17.52 -16.72
C PRO A 227 -13.21 17.30 -15.21
N LYS A 228 -13.44 16.03 -14.85
CA LYS A 228 -13.42 15.56 -13.48
C LYS A 228 -12.35 14.46 -13.38
N SER A 229 -11.43 14.60 -12.42
CA SER A 229 -10.31 13.68 -12.26
C SER A 229 -10.53 12.79 -11.04
N TRP A 230 -10.11 11.53 -11.17
CA TRP A 230 -10.42 10.49 -10.20
C TRP A 230 -9.14 9.78 -9.80
N TYR A 231 -9.12 9.35 -8.55
CA TYR A 231 -8.19 8.33 -8.06
C TYR A 231 -9.03 7.16 -7.56
N SER A 232 -8.45 5.97 -7.65
CA SER A 232 -9.11 4.73 -7.27
CA SER A 232 -9.12 4.76 -7.21
C SER A 232 -8.12 3.77 -6.62
N VAL A 233 -8.58 3.01 -5.63
CA VAL A 233 -7.82 1.95 -5.04
C VAL A 233 -8.58 0.64 -5.34
N PRO A 234 -7.88 -0.37 -5.88
CA PRO A 234 -8.58 -1.65 -6.09
C PRO A 234 -9.31 -2.16 -4.83
N PRO A 235 -10.55 -2.67 -4.99
CA PRO A 235 -11.25 -3.30 -3.88
C PRO A 235 -10.41 -4.33 -3.12
N GLU A 236 -9.59 -5.08 -3.84
CA GLU A 236 -8.69 -6.04 -3.19
C GLU A 236 -7.64 -5.40 -2.27
N HIS A 237 -7.43 -4.08 -2.38
CA HIS A 237 -6.52 -3.36 -1.47
C HIS A 237 -7.23 -2.32 -0.60
N GLY A 238 -8.56 -2.33 -0.61
CA GLY A 238 -9.36 -1.38 0.18
C GLY A 238 -9.04 -1.39 1.67
N LYS A 239 -8.91 -2.58 2.23
CA LYS A 239 -8.62 -2.72 3.67
C LYS A 239 -7.28 -2.09 4.04
N ARG A 240 -6.35 -2.14 3.11
CA ARG A 240 -5.03 -1.53 3.26
C ARG A 240 -5.13 -0.01 3.36
N LEU A 241 -5.92 0.59 2.48
CA LEU A 241 -6.19 2.02 2.58
C LEU A 241 -6.84 2.40 3.92
N GLU A 242 -7.83 1.61 4.37
CA GLU A 242 -8.49 1.87 5.67
C GLU A 242 -7.51 1.83 6.86
N ARG A 243 -6.66 0.80 6.91
CA ARG A 243 -5.65 0.69 7.96
C ARG A 243 -4.73 1.91 7.97
N LEU A 244 -4.31 2.33 6.78
CA LEU A 244 -3.46 3.50 6.63
C LEU A 244 -4.14 4.75 7.16
N ALA A 245 -5.38 4.98 6.69
CA ALA A 245 -6.17 6.13 7.07
C ALA A 245 -6.42 6.19 8.59
N LYS A 246 -6.71 5.03 9.18
CA LYS A 246 -6.87 4.92 10.63
C LYS A 246 -5.63 5.39 11.39
N GLY A 247 -4.45 5.03 10.89
CA GLY A 247 -3.19 5.51 11.46
C GLY A 247 -2.95 7.00 11.28
N PHE A 248 -3.34 7.53 10.12
CA PHE A 248 -3.19 8.95 9.83
C PHE A 248 -4.19 9.81 10.64
N PHE A 249 -5.35 9.25 10.97
CA PHE A 249 -6.42 9.96 11.69
C PHE A 249 -6.95 9.10 12.84
N PRO A 250 -6.12 8.83 13.87
CA PRO A 250 -6.46 7.85 14.92
C PRO A 250 -7.67 8.24 15.80
N GLY A 251 -7.87 9.53 16.00
CA GLY A 251 -9.02 10.02 16.77
C GLY A 251 -10.34 9.75 16.05
N SER A 252 -10.41 10.08 14.78
CA SER A 252 -11.61 9.82 13.98
C SER A 252 -11.95 8.33 13.96
N ALA A 253 -10.93 7.48 13.83
CA ALA A 253 -11.12 6.03 13.84
C ALA A 253 -11.72 5.52 15.16
N GLN A 254 -11.24 6.02 16.29
CA GLN A 254 -11.73 5.56 17.60
C GLN A 254 -13.18 5.99 17.86
N SER A 255 -13.63 7.06 17.22
CA SER A 255 -15.00 7.58 17.38
C SER A 255 -16.00 6.98 16.38
N CYS A 256 -15.48 6.46 15.28
CA CYS A 256 -16.30 5.76 14.30
C CYS A 256 -15.43 4.83 13.46
N GLU A 257 -15.75 3.54 13.50
CA GLU A 257 -15.08 2.55 12.65
C GLU A 257 -15.06 2.97 11.19
N ALA A 258 -16.23 3.34 10.67
CA ALA A 258 -16.37 3.66 9.26
C ALA A 258 -16.24 5.17 9.00
N PHE A 259 -15.24 5.83 9.62
CA PHE A 259 -15.15 7.30 9.55
C PHE A 259 -14.90 7.81 8.13
N LEU A 260 -14.32 6.99 7.25
CA LEU A 260 -14.21 7.38 5.83
C LEU A 260 -15.58 7.62 5.19
N ARG A 261 -16.63 6.99 5.72
CA ARG A 261 -17.99 7.26 5.25
C ARG A 261 -18.49 8.68 5.53
N HIS A 262 -17.86 9.40 6.45
CA HIS A 262 -18.13 10.85 6.59
C HIS A 262 -17.75 11.68 5.38
N LYS A 263 -16.97 11.10 4.46
CA LYS A 263 -16.52 11.77 3.23
C LYS A 263 -15.86 13.14 3.49
N MET A 264 -14.98 13.16 4.49
CA MET A 264 -14.22 14.36 4.88
C MET A 264 -12.70 14.18 4.74
N THR A 265 -12.26 13.00 4.30
CA THR A 265 -10.86 12.63 4.31
C THR A 265 -10.24 12.69 2.91
N LEU A 266 -9.26 13.57 2.76
CA LEU A 266 -8.51 13.69 1.50
C LEU A 266 -7.06 13.24 1.73
N ILE A 267 -6.55 12.42 0.81
CA ILE A 267 -5.20 11.85 0.90
C ILE A 267 -4.60 11.92 -0.50
N SER A 268 -3.46 12.59 -0.63
CA SER A 268 -2.82 12.75 -1.94
C SER A 268 -2.24 11.43 -2.52
N PRO A 269 -2.11 11.36 -3.85
CA PRO A 269 -1.46 10.19 -4.44
C PRO A 269 0.02 10.02 -3.98
N LEU A 270 0.73 11.12 -3.70
CA LEU A 270 2.12 11.01 -3.17
C LEU A 270 2.12 10.28 -1.84
N MET A 271 1.13 10.55 -0.99
CA MET A 271 1.02 9.82 0.28
C MET A 271 0.70 8.35 0.10
N LEU A 272 -0.24 8.04 -0.80
CA LEU A 272 -0.53 6.64 -1.13
C LEU A 272 0.71 5.91 -1.62
N LYS A 273 1.47 6.54 -2.51
CA LYS A 273 2.75 6.00 -3.01
C LYS A 273 3.75 5.73 -1.89
N LYS A 274 3.89 6.72 -1.01
CA LYS A 274 4.84 6.69 0.09
C LYS A 274 4.58 5.50 1.03
N TYR A 275 3.33 5.06 1.10
CA TYR A 275 2.93 3.96 1.96
C TYR A 275 2.45 2.71 1.21
N GLY A 276 2.82 2.59 -0.05
CA GLY A 276 2.65 1.35 -0.79
C GLY A 276 1.23 0.93 -1.11
N ILE A 277 0.31 1.88 -1.08
CA ILE A 277 -1.09 1.61 -1.41
C ILE A 277 -1.23 1.62 -2.93
N PRO A 278 -1.63 0.49 -3.54
CA PRO A 278 -1.84 0.51 -4.99
C PRO A 278 -3.01 1.41 -5.37
N PHE A 279 -2.85 2.19 -6.44
CA PHE A 279 -3.93 3.04 -6.93
C PHE A 279 -3.74 3.40 -8.41
N ASP A 280 -4.80 3.89 -9.04
CA ASP A 280 -4.73 4.37 -10.43
C ASP A 280 -5.42 5.74 -10.48
N LYS A 281 -5.21 6.47 -11.56
CA LYS A 281 -5.89 7.73 -11.79
C LYS A 281 -6.43 7.79 -13.20
N VAL A 282 -7.45 8.62 -13.40
CA VAL A 282 -8.10 8.77 -14.71
C VAL A 282 -8.86 10.09 -14.73
N THR A 283 -8.90 10.73 -15.90
CA THR A 283 -9.64 11.97 -16.08
C THR A 283 -10.84 11.72 -16.99
N GLN A 284 -12.02 12.10 -16.49
CA GLN A 284 -13.29 11.99 -17.19
C GLN A 284 -13.60 13.30 -17.91
N GLU A 285 -13.86 13.20 -19.21
CA GLU A 285 -14.18 14.35 -20.03
C GLU A 285 -15.69 14.47 -20.21
N ALA A 286 -16.16 15.62 -20.68
CA ALA A 286 -17.58 15.81 -21.02
C ALA A 286 -18.02 14.72 -22.01
N GLY A 287 -19.18 14.13 -21.77
CA GLY A 287 -19.68 13.03 -22.60
C GLY A 287 -19.31 11.62 -22.14
N GLU A 288 -18.55 11.50 -21.05
CA GLU A 288 -18.06 10.20 -20.60
C GLU A 288 -18.69 9.70 -19.30
N PHE A 289 -18.87 8.39 -19.21
CA PHE A 289 -19.37 7.71 -18.01
C PHE A 289 -18.22 7.16 -17.21
N MET A 290 -18.32 7.23 -15.89
CA MET A 290 -17.48 6.44 -15.00
C MET A 290 -18.40 5.50 -14.21
N ILE A 291 -17.91 4.29 -13.97
CA ILE A 291 -18.54 3.30 -13.09
C ILE A 291 -17.59 3.02 -11.92
N THR A 292 -18.11 3.09 -10.71
CA THR A 292 -17.39 2.58 -9.54
C THR A 292 -18.01 1.26 -9.10
N PHE A 293 -17.17 0.37 -8.58
CA PHE A 293 -17.55 -0.99 -8.27
C PHE A 293 -17.61 -1.18 -6.74
N PRO A 294 -18.35 -2.19 -6.25
CA PRO A 294 -18.44 -2.44 -4.83
C PRO A 294 -17.10 -2.42 -4.09
N TYR A 295 -17.04 -1.60 -3.05
CA TYR A 295 -15.85 -1.48 -2.20
C TYR A 295 -14.63 -0.90 -2.94
N GLY A 296 -14.88 -0.18 -4.04
CA GLY A 296 -13.82 0.52 -4.75
C GLY A 296 -13.73 1.94 -4.21
N TYR A 297 -12.72 2.19 -3.37
CA TYR A 297 -12.44 3.52 -2.87
C TYR A 297 -12.04 4.48 -4.00
N HIS A 298 -12.62 5.67 -3.99
CA HIS A 298 -12.31 6.70 -4.96
C HIS A 298 -12.41 8.08 -4.35
N ALA A 299 -11.68 9.01 -4.97
CA ALA A 299 -11.68 10.42 -4.60
C ALA A 299 -11.32 11.18 -5.86
N GLY A 300 -11.50 12.50 -5.85
CA GLY A 300 -11.08 13.32 -6.99
C GLY A 300 -11.45 14.78 -6.87
N PHE A 301 -11.42 15.47 -8.00
CA PHE A 301 -11.69 16.89 -8.04
C PHE A 301 -12.14 17.33 -9.44
N ASN A 302 -12.88 18.43 -9.48
CA ASN A 302 -13.29 19.06 -10.73
C ASN A 302 -12.26 20.10 -11.21
N HIS A 303 -12.06 20.15 -12.52
CA HIS A 303 -11.08 21.06 -13.15
C HIS A 303 -11.59 22.49 -13.27
N GLY A 304 -12.91 22.61 -13.42
CA GLY A 304 -13.55 23.90 -13.62
C GLY A 304 -15.05 23.71 -13.66
N PHE A 305 -15.75 24.72 -14.18
CA PHE A 305 -17.20 24.66 -14.27
C PHE A 305 -17.65 23.44 -15.07
N ASN A 306 -18.50 22.63 -14.45
CA ASN A 306 -19.01 21.42 -15.08
C ASN A 306 -20.30 20.96 -14.42
N CYS A 307 -20.90 19.92 -14.99
CA CYS A 307 -22.13 19.33 -14.46
C CYS A 307 -22.09 17.81 -14.62
N ALA A 308 -22.20 17.08 -13.51
CA ALA A 308 -22.27 15.60 -13.55
C ALA A 308 -23.61 15.11 -13.03
N GLU A 309 -24.04 13.94 -13.50
CA GLU A 309 -25.23 13.25 -12.98
C GLU A 309 -24.83 11.85 -12.50
N SER A 310 -25.42 11.42 -11.38
CA SER A 310 -24.99 10.21 -10.69
C SER A 310 -26.11 9.53 -9.88
N THR A 311 -26.01 8.21 -9.76
CA THR A 311 -26.81 7.41 -8.84
C THR A 311 -26.06 6.11 -8.49
N ASN A 312 -26.60 5.33 -7.55
CA ASN A 312 -26.10 3.99 -7.27
C ASN A 312 -26.89 2.94 -8.06
N PHE A 313 -26.29 1.76 -8.14
CA PHE A 313 -26.95 0.60 -8.73
C PHE A 313 -26.32 -0.70 -8.17
N ALA A 314 -26.91 -1.83 -8.55
CA ALA A 314 -26.47 -3.13 -8.04
C ALA A 314 -26.46 -4.20 -9.14
N THR A 315 -25.69 -5.25 -8.89
CA THR A 315 -25.73 -6.51 -9.63
C THR A 315 -25.84 -7.61 -8.58
N ARG A 316 -25.99 -8.86 -8.99
CA ARG A 316 -26.10 -9.96 -8.02
C ARG A 316 -24.85 -10.06 -7.12
N ARG A 317 -23.69 -9.75 -7.68
CA ARG A 317 -22.43 -9.77 -6.95
C ARG A 317 -22.41 -8.79 -5.74
N TRP A 318 -23.15 -7.69 -5.86
CA TRP A 318 -23.20 -6.68 -4.79
C TRP A 318 -23.80 -7.21 -3.48
N ILE A 319 -24.75 -8.14 -3.59
CA ILE A 319 -25.52 -8.60 -2.42
C ILE A 319 -24.60 -9.01 -1.26
N GLU A 320 -23.53 -9.75 -1.56
CA GLU A 320 -22.60 -10.14 -0.49
C GLU A 320 -21.87 -8.94 0.13
N TYR A 321 -21.53 -7.95 -0.71
CA TYR A 321 -20.93 -6.70 -0.25
C TYR A 321 -21.90 -5.91 0.64
N GLY A 322 -23.17 -5.85 0.23
CA GLY A 322 -24.23 -5.26 1.02
C GLY A 322 -24.37 -5.90 2.39
N LYS A 323 -24.31 -7.23 2.43
CA LYS A 323 -24.43 -7.99 3.68
C LYS A 323 -23.31 -7.69 4.66
N GLN A 324 -22.14 -7.39 4.12
CA GLN A 324 -20.89 -7.27 4.89
C GLN A 324 -20.42 -5.82 5.00
N ALA A 325 -21.13 -4.87 4.41
CA ALA A 325 -20.69 -3.46 4.49
C ALA A 325 -20.55 -2.99 5.94
N VAL A 326 -19.43 -2.32 6.24
CA VAL A 326 -19.23 -1.74 7.56
C VAL A 326 -19.78 -0.31 7.48
N LEU A 327 -20.77 0.00 8.30
CA LEU A 327 -21.50 1.27 8.19
C LEU A 327 -21.12 2.24 9.31
N CYS A 328 -21.35 3.53 9.04
CA CYS A 328 -21.23 4.57 10.06
C CYS A 328 -22.43 4.51 11.00
N SER A 329 -22.13 4.41 12.28
CA SER A 329 -23.12 4.40 13.36
C SER A 329 -23.23 5.75 14.07
N CYS A 330 -22.17 6.57 13.99
CA CYS A 330 -22.03 7.74 14.86
C CYS A 330 -22.86 8.95 14.42
N ARG A 331 -23.42 8.90 13.22
CA ARG A 331 -24.27 9.99 12.74
C ARG A 331 -25.67 9.43 12.51
N LYS A 332 -26.68 10.28 12.71
CA LYS A 332 -28.08 9.83 12.62
C LYS A 332 -28.56 9.72 11.18
N ASP A 333 -29.43 8.74 10.94
CA ASP A 333 -30.10 8.58 9.66
C ASP A 333 -29.10 8.50 8.49
N MET A 334 -28.08 7.67 8.64
CA MET A 334 -27.15 7.34 7.54
C MET A 334 -27.80 6.26 6.68
N VAL A 335 -27.33 6.09 5.45
CA VAL A 335 -27.97 5.15 4.52
C VAL A 335 -27.75 3.69 4.93
N LYS A 336 -28.85 3.01 5.27
CA LYS A 336 -28.81 1.61 5.61
C LYS A 336 -29.92 0.93 4.82
N ILE A 337 -29.56 -0.08 4.02
CA ILE A 337 -30.53 -0.85 3.24
C ILE A 337 -30.70 -2.25 3.85
N SER A 338 -31.95 -2.63 4.12
CA SER A 338 -32.31 -4.00 4.53
C SER A 338 -31.94 -5.01 3.44
N MET A 339 -31.06 -5.95 3.79
CA MET A 339 -30.58 -6.95 2.84
C MET A 339 -31.51 -8.16 2.74
N ASP A 340 -32.49 -8.24 3.64
CA ASP A 340 -33.36 -9.43 3.76
C ASP A 340 -34.00 -9.87 2.43
N VAL A 341 -34.58 -8.92 1.70
CA VAL A 341 -35.24 -9.22 0.44
C VAL A 341 -34.27 -9.80 -0.60
N PHE A 342 -33.04 -9.28 -0.60
CA PHE A 342 -32.01 -9.77 -1.53
C PHE A 342 -31.49 -11.16 -1.19
N VAL A 343 -31.28 -11.44 0.09
CA VAL A 343 -30.81 -12.75 0.50
C VAL A 343 -31.88 -13.78 0.21
N ARG A 344 -33.14 -13.47 0.56
CA ARG A 344 -34.28 -14.37 0.27
C ARG A 344 -34.44 -14.70 -1.22
N LYS A 345 -34.41 -13.68 -2.08
CA LYS A 345 -34.60 -13.88 -3.53
C LYS A 345 -33.41 -14.59 -4.20
N PHE A 346 -32.20 -14.14 -3.90
CA PHE A 346 -31.00 -14.55 -4.64
C PHE A 346 -30.07 -15.52 -3.91
N GLN A 347 -30.26 -15.70 -2.60
CA GLN A 347 -29.46 -16.63 -1.81
C GLN A 347 -30.35 -17.42 -0.84
N PRO A 348 -31.42 -18.05 -1.35
CA PRO A 348 -32.38 -18.77 -0.49
C PRO A 348 -31.72 -19.85 0.39
N GLU A 349 -30.73 -20.54 -0.17
CA GLU A 349 -29.98 -21.55 0.59
C GLU A 349 -29.26 -21.01 1.83
N ARG A 350 -28.85 -19.75 1.80
CA ARG A 350 -28.08 -19.14 2.90
CA ARG A 350 -28.10 -19.17 2.92
C ARG A 350 -28.95 -18.32 3.86
N TYR A 351 -30.23 -18.13 3.54
CA TYR A 351 -31.10 -17.23 4.31
C TYR A 351 -31.14 -17.50 5.83
N LYS A 352 -31.45 -18.74 6.21
CA LYS A 352 -31.51 -19.11 7.63
C LYS A 352 -30.13 -18.96 8.29
N LEU A 353 -29.09 -19.48 7.64
CA LEU A 353 -27.70 -19.33 8.09
C LEU A 353 -27.37 -17.86 8.35
N TRP A 354 -27.75 -17.00 7.40
CA TRP A 354 -27.48 -15.58 7.50
C TRP A 354 -28.25 -14.90 8.64
N LYS A 355 -29.52 -15.28 8.81
CA LYS A 355 -30.33 -14.73 9.91
C LYS A 355 -29.81 -15.21 11.28
N ALA A 356 -29.25 -16.42 11.32
CA ALA A 356 -28.63 -16.94 12.54
C ALA A 356 -27.25 -16.31 12.83
N GLY A 357 -26.77 -15.47 11.91
CA GLY A 357 -25.47 -14.81 12.07
C GLY A 357 -24.29 -15.75 11.84
N LYS A 358 -24.51 -16.82 11.09
CA LYS A 358 -23.48 -17.82 10.84
C LYS A 358 -23.01 -17.84 9.37
N ASP A 359 -23.42 -16.86 8.57
CA ASP A 359 -23.00 -16.81 7.16
C ASP A 359 -21.61 -16.18 7.06
N ASN A 360 -20.61 -17.07 6.97
CA ASN A 360 -19.20 -16.69 6.97
C ASN A 360 -18.58 -16.65 5.58
N THR A 361 -19.38 -16.31 4.56
CA THR A 361 -18.88 -16.17 3.19
C THR A 361 -17.75 -15.13 3.13
N VAL A 362 -16.66 -15.50 2.47
CA VAL A 362 -15.54 -14.58 2.24
C VAL A 362 -15.62 -14.06 0.82
N ILE A 363 -15.62 -12.74 0.66
CA ILE A 363 -15.70 -12.11 -0.64
C ILE A 363 -14.37 -12.26 -1.38
N ASP A 364 -14.44 -12.76 -2.60
CA ASP A 364 -13.34 -12.72 -3.57
C ASP A 364 -13.56 -11.54 -4.52
N HIS A 365 -12.80 -10.47 -4.31
CA HIS A 365 -12.93 -9.23 -5.09
C HIS A 365 -12.53 -9.39 -6.57
N THR A 366 -11.92 -10.52 -6.93
CA THR A 366 -11.50 -10.72 -8.32
C THR A 366 -12.65 -11.29 -9.16
N LEU A 367 -13.63 -11.91 -8.52
CA LEU A 367 -14.67 -12.63 -9.27
C LEU A 367 -15.66 -11.67 -9.92
N PRO A 368 -15.96 -11.88 -11.22
CA PRO A 368 -17.03 -11.13 -11.87
C PRO A 368 -18.41 -11.57 -11.37
N THR A 369 -19.40 -10.71 -11.58
CA THR A 369 -20.78 -11.01 -11.18
C THR A 369 -21.31 -12.22 -11.97
N PRO A 370 -22.14 -13.07 -11.34
CA PRO A 370 -22.70 -14.27 -12.00
C PRO A 370 -23.24 -14.03 -13.42
N GLU A 371 -23.87 -12.87 -13.63
CA GLU A 371 -24.46 -12.49 -14.94
C GLU A 371 -23.43 -12.41 -16.09
N ALA A 372 -22.15 -12.33 -15.74
CA ALA A 372 -21.06 -12.34 -16.76
C ALA A 372 -20.80 -13.73 -17.37
N ALA A 373 -21.39 -14.78 -16.79
CA ALA A 373 -21.22 -16.16 -17.28
C ALA A 373 -21.48 -16.28 -18.78
N GLU A 374 -22.54 -15.61 -19.23
CA GLU A 374 -22.84 -15.42 -20.66
C GLU A 374 -21.60 -15.12 -21.53
N PHE A 375 -20.75 -14.21 -21.06
CA PHE A 375 -19.58 -13.75 -21.83
C PHE A 375 -18.32 -14.58 -21.55
N LEU A 376 -18.34 -15.38 -20.50
CA LEU A 376 -17.19 -16.21 -20.13
C LEU A 376 -17.31 -17.63 -20.69
N LYS A 377 -18.49 -17.99 -21.18
CA LYS A 377 -18.73 -19.31 -21.80
C LYS A 377 -18.44 -19.27 -23.30
N THR B 29 7.60 13.44 14.90
CA THR B 29 6.56 14.02 14.00
C THR B 29 6.63 13.46 12.57
N LEU B 30 7.81 12.96 12.16
CA LEU B 30 7.98 12.35 10.84
C LEU B 30 7.59 10.86 10.92
N ASN B 31 6.74 10.41 9.99
CA ASN B 31 6.24 9.02 9.97
C ASN B 31 5.78 8.53 11.38
N PRO B 32 4.87 9.28 12.02
CA PRO B 32 4.51 8.95 13.40
C PRO B 32 3.78 7.63 13.54
N SER B 33 3.32 7.08 12.41
CA SER B 33 2.68 5.77 12.41
C SER B 33 3.74 4.66 12.36
N ALA B 34 5.00 5.02 12.12
CA ALA B 34 6.13 4.09 12.08
C ALA B 34 5.87 2.96 11.08
N ARG B 35 5.17 3.30 9.99
CA ARG B 35 4.84 2.35 8.95
C ARG B 35 5.96 2.34 7.92
N ILE B 36 6.12 1.19 7.27
CA ILE B 36 7.14 1.00 6.24
C ILE B 36 6.83 1.91 5.04
N MET B 37 7.83 2.71 4.67
CA MET B 37 7.69 3.66 3.58
C MET B 37 8.41 3.16 2.33
N THR B 38 7.89 3.59 1.18
CA THR B 38 8.42 3.25 -0.12
C THR B 38 8.75 4.56 -0.85
N PHE B 39 9.92 4.59 -1.48
CA PHE B 39 10.47 5.77 -2.13
C PHE B 39 10.80 5.48 -3.58
N TYR B 40 10.65 6.51 -4.41
CA TYR B 40 10.88 6.40 -5.85
C TYR B 40 11.85 7.48 -6.33
N PRO B 41 13.15 7.31 -6.06
CA PRO B 41 14.14 8.30 -6.51
C PRO B 41 14.20 8.44 -8.02
N THR B 42 14.42 9.68 -8.48
CA THR B 42 14.81 9.95 -9.86
C THR B 42 16.28 9.54 -10.00
N MET B 43 16.75 9.42 -11.24
CA MET B 43 18.15 9.06 -11.49
C MET B 43 19.10 10.01 -10.76
N GLU B 44 18.86 11.32 -10.87
CA GLU B 44 19.72 12.31 -10.24
C GLU B 44 19.77 12.15 -8.72
N GLU B 45 18.63 11.88 -8.10
CA GLU B 45 18.57 11.60 -6.66
CA GLU B 45 18.58 11.61 -6.65
C GLU B 45 19.24 10.27 -6.32
N PHE B 46 19.09 9.30 -7.22
CA PHE B 46 19.60 7.95 -7.00
C PHE B 46 21.13 7.85 -7.02
N ARG B 47 21.80 8.81 -7.67
CA ARG B 47 23.25 8.71 -7.87
C ARG B 47 24.05 8.75 -6.57
N ASN B 48 23.65 9.58 -5.63
CA ASN B 48 24.37 9.69 -4.34
C ASN B 48 23.68 8.82 -3.27
N PHE B 49 24.30 7.69 -2.93
CA PHE B 49 23.68 6.71 -2.05
C PHE B 49 23.48 7.26 -0.64
N SER B 50 24.57 7.63 0.02
CA SER B 50 24.48 8.04 1.43
C SER B 50 23.57 9.25 1.59
N ARG B 51 23.58 10.13 0.60
CA ARG B 51 22.70 11.27 0.58
C ARG B 51 21.21 10.86 0.45
N TYR B 52 20.90 9.83 -0.33
CA TYR B 52 19.51 9.38 -0.39
C TYR B 52 19.05 8.74 0.91
N ILE B 53 19.94 8.04 1.60
CA ILE B 53 19.63 7.46 2.91
C ILE B 53 19.35 8.59 3.90
N ALA B 54 20.15 9.65 3.82
CA ALA B 54 19.92 10.85 4.60
C ALA B 54 18.54 11.43 4.30
N TYR B 55 18.16 11.46 3.01
CA TYR B 55 16.85 11.96 2.61
C TYR B 55 15.68 11.12 3.13
N ILE B 56 15.75 9.80 3.00
CA ILE B 56 14.63 8.98 3.46
C ILE B 56 14.48 9.04 5.00
N GLU B 57 15.57 9.24 5.72
CA GLU B 57 15.48 9.47 7.16
C GLU B 57 14.88 10.82 7.49
N SER B 58 15.12 11.83 6.66
CA SER B 58 14.46 13.13 6.84
C SER B 58 12.93 12.98 6.69
N GLN B 59 12.50 11.97 5.94
CA GLN B 59 11.08 11.62 5.77
C GLN B 59 10.55 10.66 6.85
N GLY B 60 11.41 10.26 7.79
CA GLY B 60 11.01 9.39 8.90
C GLY B 60 11.02 7.89 8.62
N ALA B 61 11.60 7.47 7.50
CA ALA B 61 11.59 6.04 7.11
C ALA B 61 12.22 5.12 8.15
N HIS B 62 13.29 5.59 8.78
CA HIS B 62 13.99 4.81 9.81
C HIS B 62 13.12 4.34 10.98
N ARG B 63 12.02 5.04 11.26
CA ARG B 63 11.18 4.68 12.40
C ARG B 63 10.51 3.32 12.28
N ALA B 64 10.20 2.91 11.06
CA ALA B 64 9.66 1.57 10.78
C ALA B 64 10.68 0.44 10.97
N GLY B 65 11.97 0.77 10.85
CA GLY B 65 13.07 -0.21 10.88
C GLY B 65 13.42 -0.82 9.52
N LEU B 66 12.59 -0.55 8.52
CA LEU B 66 12.69 -1.13 7.19
C LEU B 66 12.03 -0.17 6.20
N ALA B 67 12.65 0.01 5.03
CA ALA B 67 12.08 0.83 3.96
C ALA B 67 12.37 0.17 2.61
N LYS B 68 11.49 0.44 1.65
CA LYS B 68 11.70 -0.01 0.28
C LYS B 68 12.12 1.19 -0.58
N VAL B 69 13.07 0.95 -1.47
CA VAL B 69 13.47 1.94 -2.47
C VAL B 69 13.34 1.27 -3.84
N VAL B 70 12.47 1.85 -4.67
CA VAL B 70 12.27 1.40 -6.04
C VAL B 70 13.16 2.27 -6.94
N PRO B 71 14.13 1.64 -7.63
CA PRO B 71 15.05 2.44 -8.42
C PRO B 71 14.42 2.92 -9.72
N PRO B 72 15.03 3.93 -10.36
CA PRO B 72 14.50 4.40 -11.64
C PRO B 72 14.43 3.30 -12.69
N LYS B 73 13.46 3.40 -13.60
CA LYS B 73 13.26 2.40 -14.66
C LYS B 73 14.49 2.25 -15.54
N GLU B 74 15.22 3.35 -15.73
CA GLU B 74 16.43 3.40 -16.56
C GLU B 74 17.59 2.56 -16.00
N TRP B 75 17.65 2.45 -14.68
CA TRP B 75 18.78 1.83 -13.99
C TRP B 75 18.66 0.30 -14.01
N LYS B 76 19.76 -0.37 -14.38
CA LYS B 76 19.89 -1.81 -14.21
C LYS B 76 21.32 -2.18 -13.77
N PRO B 77 21.45 -3.08 -12.78
CA PRO B 77 22.78 -3.45 -12.28
C PRO B 77 23.53 -4.44 -13.18
N ARG B 78 22.81 -5.12 -14.06
CA ARG B 78 23.36 -6.19 -14.90
C ARG B 78 22.47 -6.34 -16.13
N ALA B 79 23.07 -6.57 -17.30
CA ALA B 79 22.31 -6.69 -18.54
C ALA B 79 21.44 -7.94 -18.56
N SER B 80 22.00 -9.06 -18.10
CA SER B 80 21.34 -10.36 -18.23
C SER B 80 21.77 -11.29 -17.10
N TYR B 81 20.85 -12.10 -16.60
CA TYR B 81 21.14 -13.12 -15.60
C TYR B 81 21.14 -14.53 -16.19
N ASP B 82 21.37 -14.64 -17.51
CA ASP B 82 21.34 -15.94 -18.20
C ASP B 82 22.71 -16.65 -18.23
N ASP B 83 23.70 -16.05 -17.57
CA ASP B 83 25.09 -16.51 -17.66
C ASP B 83 25.71 -16.86 -16.31
N ILE B 84 24.87 -17.17 -15.33
CA ILE B 84 25.35 -17.46 -13.97
C ILE B 84 25.02 -18.89 -13.52
N ASP B 85 24.58 -19.75 -14.43
CA ASP B 85 24.20 -21.13 -14.08
C ASP B 85 25.34 -21.99 -13.55
N ASP B 86 26.56 -21.62 -13.88
CA ASP B 86 27.74 -22.34 -13.39
C ASP B 86 28.23 -21.85 -12.03
N LEU B 87 27.64 -20.75 -11.54
CA LEU B 87 28.00 -20.22 -10.22
C LEU B 87 27.78 -21.28 -9.14
N VAL B 88 28.77 -21.45 -8.28
CA VAL B 88 28.73 -22.45 -7.22
C VAL B 88 28.16 -21.83 -5.94
N ILE B 89 27.21 -22.53 -5.33
CA ILE B 89 26.73 -22.24 -3.98
C ILE B 89 27.49 -23.22 -3.06
N PRO B 90 28.56 -22.73 -2.41
CA PRO B 90 29.47 -23.69 -1.76
C PRO B 90 28.91 -24.36 -0.49
N ALA B 91 27.97 -23.70 0.18
CA ALA B 91 27.44 -24.22 1.45
C ALA B 91 25.94 -24.00 1.55
N PRO B 92 25.13 -24.70 0.72
CA PRO B 92 23.69 -24.51 0.87
C PRO B 92 23.21 -25.05 2.22
N ILE B 93 22.14 -24.50 2.74
CA ILE B 93 21.64 -24.92 4.07
C ILE B 93 20.19 -25.44 3.99
N GLN B 94 19.97 -26.64 4.53
CA GLN B 94 18.62 -27.17 4.68
C GLN B 94 18.07 -26.65 5.99
N GLN B 95 16.88 -26.06 5.95
CA GLN B 95 16.28 -25.40 7.11
C GLN B 95 15.23 -26.27 7.81
N LEU B 96 15.67 -26.96 8.85
CA LEU B 96 14.80 -27.76 9.72
C LEU B 96 14.20 -26.83 10.77
N VAL B 97 12.89 -26.87 10.96
CA VAL B 97 12.20 -25.97 11.89
C VAL B 97 11.34 -26.81 12.85
N THR B 98 11.48 -26.53 14.14
CA THR B 98 10.73 -27.19 15.20
C THR B 98 10.00 -26.14 16.04
N GLY B 99 8.76 -26.44 16.39
CA GLY B 99 7.99 -25.56 17.26
C GLY B 99 6.50 -25.68 17.06
N GLN B 100 5.76 -24.79 17.72
CA GLN B 100 4.30 -24.81 17.77
C GLN B 100 3.79 -23.46 18.25
N SER B 101 2.51 -23.17 17.97
CA SER B 101 1.82 -21.97 18.47
C SER B 101 2.54 -20.66 18.16
N GLY B 102 3.06 -20.54 16.93
CA GLY B 102 3.71 -19.33 16.46
C GLY B 102 5.14 -19.09 16.91
N LEU B 103 5.73 -20.05 17.65
CA LEU B 103 7.10 -19.96 18.17
C LEU B 103 7.95 -21.13 17.68
N PHE B 104 9.07 -20.83 17.02
CA PHE B 104 9.86 -21.84 16.32
C PHE B 104 11.34 -21.57 16.45
N THR B 105 12.12 -22.65 16.34
CA THR B 105 13.57 -22.59 16.27
C THR B 105 14.00 -23.27 14.96
N GLN B 106 14.85 -22.57 14.21
CA GLN B 106 15.33 -23.02 12.92
C GLN B 106 16.79 -23.50 13.02
N TYR B 107 17.03 -24.71 12.56
CA TYR B 107 18.36 -25.31 12.51
C TYR B 107 18.83 -25.37 11.06
N ASN B 108 19.91 -24.69 10.75
CA ASN B 108 20.39 -24.59 9.38
C ASN B 108 21.52 -25.60 9.17
N ILE B 109 21.26 -26.62 8.34
CA ILE B 109 22.15 -27.77 8.13
C ILE B 109 22.87 -27.69 6.79
N GLN B 110 24.18 -27.52 6.83
CA GLN B 110 24.98 -27.37 5.60
C GLN B 110 24.94 -28.63 4.74
N LYS B 111 24.62 -28.46 3.46
CA LYS B 111 24.65 -29.53 2.47
C LYS B 111 25.85 -29.34 1.56
N LYS B 112 26.07 -30.30 0.66
CA LYS B 112 27.20 -30.22 -0.27
C LYS B 112 26.97 -29.11 -1.30
N ALA B 113 28.07 -28.56 -1.82
CA ALA B 113 28.02 -27.51 -2.84
C ALA B 113 27.17 -27.92 -4.03
N MET B 114 26.60 -26.93 -4.70
CA MET B 114 25.80 -27.19 -5.88
C MET B 114 25.77 -25.92 -6.70
N THR B 115 25.53 -26.07 -7.99
CA THR B 115 25.45 -24.93 -8.90
C THR B 115 24.07 -24.26 -8.81
N VAL B 116 23.98 -23.03 -9.31
CA VAL B 116 22.70 -22.35 -9.45
C VAL B 116 21.71 -23.15 -10.31
N ARG B 117 22.17 -23.73 -11.42
CA ARG B 117 21.31 -24.58 -12.25
C ARG B 117 20.71 -25.70 -11.42
N GLU B 118 21.56 -26.44 -10.70
CA GLU B 118 21.12 -27.52 -9.81
C GLU B 118 20.17 -27.05 -8.70
N PHE B 119 20.46 -25.89 -8.12
CA PHE B 119 19.58 -25.33 -7.10
C PHE B 119 18.23 -24.95 -7.72
N ARG B 120 18.27 -24.29 -8.89
CA ARG B 120 17.04 -23.84 -9.56
C ARG B 120 16.12 -25.02 -9.88
N LYS B 121 16.70 -26.12 -10.33
CA LYS B 121 15.93 -27.33 -10.63
C LYS B 121 15.20 -27.86 -9.39
N ILE B 122 15.88 -27.87 -8.24
CA ILE B 122 15.22 -28.32 -7.00
C ILE B 122 14.13 -27.32 -6.59
N ALA B 123 14.47 -26.03 -6.61
CA ALA B 123 13.53 -24.96 -6.23
C ALA B 123 12.23 -24.97 -7.06
N ASN B 124 12.36 -25.20 -8.36
CA ASN B 124 11.22 -25.15 -9.27
C ASN B 124 10.52 -26.51 -9.44
N SER B 125 11.05 -27.53 -8.77
CA SER B 125 10.48 -28.88 -8.85
C SER B 125 9.16 -28.97 -8.10
N ASP B 126 8.35 -29.98 -8.46
CA ASP B 126 7.06 -30.22 -7.80
C ASP B 126 7.15 -30.26 -6.27
N LYS B 127 8.24 -30.83 -5.75
CA LYS B 127 8.37 -31.04 -4.31
C LYS B 127 8.56 -29.74 -3.53
N TYR B 128 9.22 -28.75 -4.13
CA TYR B 128 9.60 -27.54 -3.41
C TYR B 128 9.01 -26.24 -3.94
N CYS B 129 8.28 -26.30 -5.06
CA CYS B 129 7.81 -25.07 -5.68
C CYS B 129 6.71 -24.39 -4.86
N THR B 130 6.52 -23.10 -5.13
CA THR B 130 5.49 -22.30 -4.50
C THR B 130 4.13 -22.93 -4.69
N PRO B 131 3.35 -23.09 -3.60
CA PRO B 131 1.99 -23.59 -3.78
C PRO B 131 1.09 -22.58 -4.52
N ARG B 132 0.02 -23.09 -5.10
CA ARG B 132 -0.99 -22.25 -5.72
C ARG B 132 -1.62 -21.35 -4.66
N TYR B 133 -1.93 -20.12 -5.04
CA TYR B 133 -2.61 -19.18 -4.14
C TYR B 133 -3.11 -17.95 -4.91
N SER B 134 -3.98 -17.17 -4.25
CA SER B 134 -4.56 -15.98 -4.86
C SER B 134 -3.89 -14.71 -4.35
N GLU B 135 -4.12 -14.38 -3.07
CA GLU B 135 -3.63 -13.14 -2.46
C GLU B 135 -2.47 -13.42 -1.51
N PHE B 136 -1.67 -12.41 -1.22
CA PHE B 136 -0.51 -12.57 -0.35
C PHE B 136 -0.89 -13.25 0.98
N GLU B 137 -2.00 -12.80 1.57
CA GLU B 137 -2.43 -13.32 2.88
C GLU B 137 -2.61 -14.83 2.86
N GLU B 138 -2.99 -15.39 1.70
CA GLU B 138 -3.14 -16.83 1.56
C GLU B 138 -1.77 -17.51 1.63
N LEU B 139 -0.80 -16.99 0.88
CA LEU B 139 0.56 -17.54 0.90
C LEU B 139 1.19 -17.42 2.27
N GLU B 140 0.99 -16.27 2.91
CA GLU B 140 1.48 -16.05 4.26
C GLU B 140 0.88 -17.06 5.23
N ARG B 141 -0.43 -17.30 5.11
CA ARG B 141 -1.07 -18.34 5.93
C ARG B 141 -0.43 -19.70 5.67
N LYS B 142 -0.19 -20.01 4.39
CA LYS B 142 0.46 -21.28 4.01
C LYS B 142 1.88 -21.40 4.56
N TYR B 143 2.63 -20.29 4.59
CA TYR B 143 3.97 -20.25 5.18
C TYR B 143 3.96 -20.65 6.66
N TRP B 144 3.14 -19.97 7.47
CA TRP B 144 3.10 -20.23 8.93
C TRP B 144 2.47 -21.57 9.31
N LYS B 145 1.63 -22.12 8.43
CA LYS B 145 1.04 -23.45 8.61
C LYS B 145 2.04 -24.57 8.26
N ASN B 146 2.93 -24.34 7.30
CA ASN B 146 3.76 -25.41 6.72
C ASN B 146 5.27 -25.29 6.94
N LEU B 147 5.71 -24.27 7.68
CA LEU B 147 7.13 -24.01 7.83
C LEU B 147 7.93 -25.11 8.51
N THR B 148 7.30 -25.95 9.32
CA THR B 148 8.00 -27.11 9.93
C THR B 148 8.04 -28.38 9.05
N PHE B 149 7.37 -28.33 7.89
CA PHE B 149 7.26 -29.48 6.99
C PHE B 149 8.14 -29.31 5.76
N ASN B 150 8.52 -30.42 5.14
CA ASN B 150 9.29 -30.41 3.88
C ASN B 150 10.45 -29.39 3.91
N PRO B 151 11.42 -29.59 4.80
CA PRO B 151 12.46 -28.56 5.02
C PRO B 151 13.16 -28.13 3.71
N PRO B 152 13.12 -26.82 3.40
CA PRO B 152 13.70 -26.43 2.11
C PRO B 152 15.20 -26.19 2.21
N ILE B 153 15.78 -25.81 1.07
CA ILE B 153 17.20 -25.50 0.98
C ILE B 153 17.39 -24.04 0.59
N TYR B 154 18.20 -23.33 1.36
CA TYR B 154 18.53 -21.91 1.13
C TYR B 154 19.98 -21.78 0.67
N GLY B 155 20.18 -21.25 -0.54
CA GLY B 155 21.53 -21.00 -1.07
C GLY B 155 22.08 -19.70 -0.52
N ALA B 156 22.39 -19.69 0.77
CA ALA B 156 22.62 -18.46 1.52
C ALA B 156 24.11 -18.13 1.72
N ASP B 157 24.38 -16.86 1.97
CA ASP B 157 25.70 -16.40 2.40
C ASP B 157 26.80 -16.73 1.39
N VAL B 158 26.48 -16.58 0.10
CA VAL B 158 27.44 -16.85 -0.99
C VAL B 158 28.27 -15.59 -1.23
N ASN B 159 29.59 -15.69 -1.08
CA ASN B 159 30.47 -14.57 -1.42
C ASN B 159 30.33 -14.24 -2.90
N GLY B 160 29.91 -13.01 -3.20
CA GLY B 160 29.78 -12.60 -4.60
C GLY B 160 28.89 -11.40 -4.85
N THR B 161 28.97 -10.89 -6.08
CA THR B 161 28.15 -9.77 -6.56
C THR B 161 27.68 -10.11 -7.96
N LEU B 162 26.48 -9.64 -8.33
CA LEU B 162 26.01 -9.79 -9.71
C LEU B 162 25.97 -8.44 -10.44
N TYR B 163 26.44 -7.39 -9.78
CA TYR B 163 26.59 -6.10 -10.45
C TYR B 163 27.74 -6.17 -11.46
N GLU B 164 27.53 -5.55 -12.62
CA GLU B 164 28.59 -5.30 -13.58
C GLU B 164 29.51 -4.22 -13.01
N LYS B 165 30.80 -4.34 -13.29
CA LYS B 165 31.84 -3.49 -12.68
C LYS B 165 31.69 -2.00 -12.99
N HIS B 166 30.94 -1.66 -14.04
CA HIS B 166 30.74 -0.27 -14.45
C HIS B 166 29.60 0.45 -13.69
N VAL B 167 28.80 -0.29 -12.92
CA VAL B 167 27.62 0.29 -12.26
C VAL B 167 28.03 1.11 -11.04
N ASP B 168 27.87 2.43 -11.13
CA ASP B 168 28.30 3.36 -10.07
C ASP B 168 27.22 3.73 -9.06
N GLU B 169 25.95 3.48 -9.37
CA GLU B 169 24.84 3.86 -8.49
C GLU B 169 24.41 2.64 -7.67
N TRP B 170 24.34 2.81 -6.35
CA TRP B 170 23.80 1.78 -5.45
C TRP B 170 24.47 0.41 -5.64
N ASN B 171 25.78 0.45 -5.85
CA ASN B 171 26.57 -0.75 -6.07
C ASN B 171 26.97 -1.34 -4.73
N ILE B 172 26.32 -2.45 -4.38
CA ILE B 172 26.42 -3.10 -3.06
C ILE B 172 27.86 -3.50 -2.71
N GLY B 173 28.70 -3.65 -3.75
CA GLY B 173 30.14 -3.89 -3.59
C GLY B 173 30.95 -2.66 -3.22
N ARG B 174 30.42 -1.47 -3.47
CA ARG B 174 31.11 -0.22 -3.15
C ARG B 174 30.15 0.94 -2.92
N LEU B 175 29.47 0.92 -1.77
CA LEU B 175 28.43 1.89 -1.48
C LEU B 175 28.99 3.26 -1.06
N ARG B 176 30.22 3.28 -0.58
CA ARG B 176 30.87 4.52 -0.13
C ARG B 176 30.11 5.13 1.05
N THR B 177 30.11 4.40 2.16
CA THR B 177 29.64 4.92 3.42
C THR B 177 30.82 4.89 4.40
N ILE B 178 30.63 5.50 5.56
CA ILE B 178 31.70 5.53 6.57
C ILE B 178 32.06 4.16 7.14
N LEU B 179 31.30 3.11 6.83
CA LEU B 179 31.68 1.74 7.21
C LEU B 179 33.00 1.33 6.55
N ASP B 180 33.32 1.94 5.40
CA ASP B 180 34.57 1.72 4.68
C ASP B 180 35.82 1.96 5.55
N LEU B 181 35.68 2.76 6.60
CA LEU B 181 36.78 3.00 7.55
C LEU B 181 37.39 1.72 8.12
N VAL B 182 36.58 0.70 8.35
CA VAL B 182 37.06 -0.59 8.87
C VAL B 182 38.11 -1.21 7.92
N GLU B 183 37.80 -1.28 6.63
CA GLU B 183 38.74 -1.82 5.66
C GLU B 183 39.88 -0.82 5.36
N LYS B 184 39.50 0.43 5.08
CA LYS B 184 40.42 1.41 4.50
C LYS B 184 41.47 1.90 5.49
N GLU B 185 41.04 2.21 6.71
CA GLU B 185 41.97 2.67 7.76
C GLU B 185 42.57 1.50 8.55
N SER B 186 41.77 0.48 8.85
CA SER B 186 42.21 -0.59 9.76
C SER B 186 42.54 -1.91 9.08
N GLY B 187 42.35 -1.98 7.76
CA GLY B 187 42.70 -3.18 6.98
C GLY B 187 41.88 -4.44 7.23
N ILE B 188 40.69 -4.31 7.82
CA ILE B 188 39.87 -5.47 8.20
C ILE B 188 38.75 -5.72 7.17
N THR B 189 38.63 -6.98 6.75
CA THR B 189 37.57 -7.46 5.89
C THR B 189 36.69 -8.40 6.70
N ILE B 190 35.38 -8.14 6.68
CA ILE B 190 34.38 -8.98 7.33
C ILE B 190 33.39 -9.39 6.25
N GLU B 191 33.53 -10.63 5.78
CA GLU B 191 32.72 -11.10 4.66
C GLU B 191 31.24 -10.98 4.99
N GLY B 192 30.48 -10.43 4.04
CA GLY B 192 29.05 -10.17 4.22
C GLY B 192 28.71 -8.85 4.89
N VAL B 193 29.64 -8.31 5.69
CA VAL B 193 29.44 -7.03 6.39
C VAL B 193 30.00 -5.85 5.56
N ASN B 194 31.27 -5.89 5.21
CA ASN B 194 31.83 -4.94 4.25
C ASN B 194 32.19 -5.57 2.91
N THR B 195 31.63 -6.76 2.66
CA THR B 195 31.65 -7.36 1.32
C THR B 195 30.25 -7.91 1.00
N PRO B 196 29.97 -8.14 -0.28
CA PRO B 196 28.64 -8.58 -0.68
C PRO B 196 28.37 -10.09 -0.58
N TYR B 197 27.12 -10.43 -0.28
CA TYR B 197 26.62 -11.81 -0.24
C TYR B 197 25.46 -11.95 -1.21
N LEU B 198 25.38 -13.12 -1.85
CA LEU B 198 24.24 -13.51 -2.65
C LEU B 198 23.43 -14.56 -1.87
N TYR B 199 22.13 -14.55 -2.10
CA TYR B 199 21.15 -15.44 -1.46
C TYR B 199 20.21 -16.02 -2.51
N PHE B 200 20.35 -17.31 -2.76
CA PHE B 200 19.47 -18.02 -3.69
C PHE B 200 18.32 -18.68 -2.90
N GLY B 201 17.11 -18.13 -3.04
CA GLY B 201 15.95 -18.60 -2.31
C GLY B 201 15.13 -19.63 -3.08
N MET B 202 14.34 -20.38 -2.32
CA MET B 202 13.22 -21.14 -2.85
C MET B 202 12.04 -20.93 -1.89
N TRP B 203 10.89 -21.48 -2.24
CA TRP B 203 9.69 -21.36 -1.40
C TRP B 203 9.95 -21.78 0.06
N LYS B 204 9.46 -20.98 1.00
CA LYS B 204 9.44 -21.35 2.43
C LYS B 204 10.83 -21.26 3.09
N THR B 205 11.87 -20.85 2.37
CA THR B 205 13.16 -20.52 2.98
C THR B 205 13.00 -19.23 3.79
N SER B 206 13.67 -19.17 4.93
CA SER B 206 13.37 -18.18 5.96
C SER B 206 14.61 -17.48 6.49
N PHE B 207 14.41 -16.23 6.90
CA PHE B 207 15.35 -15.55 7.78
C PHE B 207 14.70 -15.21 9.13
N ALA B 208 15.38 -15.64 10.18
CA ALA B 208 14.93 -15.47 11.56
C ALA B 208 15.00 -14.01 12.02
N TRP B 209 14.25 -13.72 13.08
CA TRP B 209 14.31 -12.38 13.73
C TRP B 209 15.71 -11.99 14.17
N HIS B 210 16.15 -10.80 13.75
CA HIS B 210 17.48 -10.31 14.06
C HIS B 210 17.61 -8.82 13.72
N THR B 211 18.58 -8.19 14.36
CA THR B 211 19.16 -6.95 13.87
C THR B 211 20.49 -7.31 13.22
N GLU B 212 21.10 -6.37 12.52
CA GLU B 212 22.38 -6.61 11.86
C GLU B 212 23.51 -6.69 12.90
N ASP B 213 24.61 -7.32 12.51
CA ASP B 213 25.83 -7.31 13.32
C ASP B 213 26.17 -5.86 13.66
N MET B 214 26.56 -5.62 14.91
CA MET B 214 26.87 -4.27 15.44
C MET B 214 25.72 -3.28 15.27
N ASP B 215 24.50 -3.81 15.07
CA ASP B 215 23.29 -3.01 14.78
C ASP B 215 23.48 -2.02 13.62
N LEU B 216 24.19 -2.49 12.60
CA LEU B 216 24.39 -1.75 11.34
C LEU B 216 23.10 -1.64 10.51
N TYR B 217 23.14 -0.79 9.46
CA TYR B 217 22.14 -0.84 8.42
C TYR B 217 22.46 -2.06 7.56
N SER B 218 21.45 -2.54 6.83
CA SER B 218 21.68 -3.42 5.69
C SER B 218 20.94 -2.91 4.45
N ILE B 219 21.43 -3.37 3.30
CA ILE B 219 20.81 -3.14 2.00
C ILE B 219 20.58 -4.53 1.38
N ASN B 220 19.44 -4.68 0.70
CA ASN B 220 19.04 -5.94 0.08
C ASN B 220 18.38 -5.63 -1.26
N TYR B 221 18.99 -6.09 -2.36
CA TYR B 221 18.45 -5.94 -3.70
C TYR B 221 18.02 -7.30 -4.23
N LEU B 222 16.77 -7.40 -4.68
CA LEU B 222 16.25 -8.62 -5.30
C LEU B 222 16.57 -8.59 -6.81
N HIS B 223 17.66 -9.25 -7.22
CA HIS B 223 18.09 -9.28 -8.62
C HIS B 223 17.04 -9.82 -9.59
N PHE B 224 16.41 -10.94 -9.21
CA PHE B 224 15.42 -11.61 -10.04
C PHE B 224 14.61 -12.64 -9.24
N GLY B 225 13.47 -13.01 -9.79
CA GLY B 225 12.74 -14.18 -9.33
C GLY B 225 11.50 -13.79 -8.54
N GLU B 226 11.05 -14.73 -7.72
CA GLU B 226 9.83 -14.55 -6.93
C GLU B 226 10.10 -13.67 -5.72
N PRO B 227 9.05 -13.04 -5.15
CA PRO B 227 9.24 -12.10 -4.05
C PRO B 227 9.84 -12.63 -2.75
N LYS B 228 10.27 -11.68 -1.93
CA LYS B 228 10.78 -11.90 -0.60
C LYS B 228 9.90 -11.02 0.32
N SER B 229 9.25 -11.65 1.30
CA SER B 229 8.40 -10.95 2.25
C SER B 229 9.10 -10.77 3.61
N TRP B 230 8.84 -9.61 4.20
CA TRP B 230 9.54 -9.10 5.37
C TRP B 230 8.54 -8.70 6.44
N TYR B 231 8.93 -8.91 7.70
CA TYR B 231 8.33 -8.31 8.89
C TYR B 231 9.36 -7.42 9.57
N SER B 232 8.93 -6.29 10.13
CA SER B 232 9.81 -5.33 10.80
C SER B 232 9.19 -4.85 12.12
N VAL B 233 10.03 -4.70 13.15
CA VAL B 233 9.64 -4.08 14.42
C VAL B 233 10.34 -2.72 14.54
N PRO B 234 9.57 -1.64 14.77
CA PRO B 234 10.25 -0.35 14.89
C PRO B 234 11.39 -0.39 15.93
N PRO B 235 12.56 0.19 15.62
CA PRO B 235 13.64 0.28 16.60
C PRO B 235 13.23 0.77 17.99
N GLU B 236 12.31 1.74 18.05
CA GLU B 236 11.82 2.25 19.33
C GLU B 236 11.04 1.20 20.15
N HIS B 237 10.65 0.09 19.52
CA HIS B 237 9.99 -1.01 20.24
C HIS B 237 10.79 -2.33 20.23
N GLY B 238 12.03 -2.31 19.76
CA GLY B 238 12.86 -3.51 19.71
C GLY B 238 13.11 -4.21 21.04
N LYS B 239 13.26 -3.41 22.10
CA LYS B 239 13.47 -3.96 23.45
C LYS B 239 12.30 -4.82 23.88
N ARG B 240 11.08 -4.42 23.48
CA ARG B 240 9.86 -5.19 23.78
C ARG B 240 9.87 -6.55 23.11
N LEU B 241 10.25 -6.60 21.84
CA LEU B 241 10.43 -7.88 21.18
C LEU B 241 11.48 -8.74 21.89
N GLU B 242 12.58 -8.13 22.32
CA GLU B 242 13.63 -8.87 23.05
C GLU B 242 13.10 -9.47 24.36
N ARG B 243 12.29 -8.69 25.07
CA ARG B 243 11.73 -9.16 26.34
C ARG B 243 10.78 -10.33 26.09
N LEU B 244 9.97 -10.22 25.05
CA LEU B 244 9.07 -11.30 24.64
C LEU B 244 9.84 -12.58 24.32
N ALA B 245 10.87 -12.46 23.48
CA ALA B 245 11.68 -13.61 23.10
C ALA B 245 12.32 -14.30 24.30
N LYS B 246 12.93 -13.51 25.18
CA LYS B 246 13.52 -14.00 26.42
C LYS B 246 12.48 -14.74 27.28
N GLY B 247 11.24 -14.24 27.29
CA GLY B 247 10.15 -14.89 28.01
C GLY B 247 9.79 -16.25 27.44
N PHE B 248 9.78 -16.35 26.12
CA PHE B 248 9.53 -17.61 25.41
C PHE B 248 10.70 -18.58 25.44
N PHE B 249 11.93 -18.06 25.45
CA PHE B 249 13.13 -18.91 25.40
C PHE B 249 14.07 -18.57 26.55
N PRO B 250 13.64 -18.84 27.79
CA PRO B 250 14.43 -18.44 28.95
C PRO B 250 15.77 -19.18 29.06
N GLY B 251 15.82 -20.41 28.58
CA GLY B 251 17.06 -21.18 28.58
C GLY B 251 18.11 -20.56 27.66
N SER B 252 17.68 -20.19 26.46
CA SER B 252 18.59 -19.55 25.51
C SER B 252 19.09 -18.21 26.03
N ALA B 253 18.17 -17.41 26.58
CA ALA B 253 18.53 -16.10 27.14
C ALA B 253 19.53 -16.21 28.29
N GLN B 254 19.42 -17.29 29.07
CA GLN B 254 20.33 -17.54 30.19
C GLN B 254 21.76 -17.86 29.70
N SER B 255 21.85 -18.62 28.60
CA SER B 255 23.15 -19.00 28.03
C SER B 255 23.80 -17.88 27.21
N CYS B 256 22.99 -17.00 26.65
CA CYS B 256 23.49 -15.87 25.88
C CYS B 256 22.51 -14.72 25.95
N GLU B 257 22.99 -13.57 26.41
CA GLU B 257 22.20 -12.34 26.42
C GLU B 257 21.59 -12.04 25.04
N ALA B 258 22.44 -12.06 24.02
CA ALA B 258 22.03 -11.68 22.67
C ALA B 258 21.68 -12.89 21.82
N PHE B 259 20.90 -13.83 22.36
CA PHE B 259 20.67 -15.10 21.67
C PHE B 259 19.91 -14.96 20.35
N LEU B 260 19.18 -13.86 20.14
CA LEU B 260 18.54 -13.60 18.83
C LEU B 260 19.57 -13.49 17.70
N ARG B 261 20.78 -13.03 18.06
CA ARG B 261 21.89 -12.95 17.12
C ARG B 261 22.31 -14.30 16.53
N HIS B 262 21.93 -15.40 17.18
CA HIS B 262 22.09 -16.76 16.60
C HIS B 262 21.24 -16.98 15.37
N LYS B 263 20.28 -16.08 15.15
CA LYS B 263 19.38 -16.12 14.01
C LYS B 263 18.69 -17.48 13.85
N MET B 264 18.18 -18.00 14.96
CA MET B 264 17.44 -19.27 14.97
C MET B 264 15.98 -19.14 15.40
N THR B 265 15.54 -17.93 15.76
CA THR B 265 14.23 -17.76 16.37
C THR B 265 13.22 -17.17 15.38
N LEU B 266 12.13 -17.89 15.16
CA LEU B 266 11.02 -17.47 14.31
C LEU B 266 9.76 -17.26 15.18
N ILE B 267 9.10 -16.15 14.96
CA ILE B 267 7.93 -15.77 15.76
C ILE B 267 6.90 -15.22 14.79
N SER B 268 5.70 -15.78 14.82
CA SER B 268 4.66 -15.40 13.85
C SER B 268 4.07 -14.04 14.17
N PRO B 269 3.53 -13.35 13.13
CA PRO B 269 2.82 -12.10 13.35
C PRO B 269 1.60 -12.23 14.27
N LEU B 270 0.94 -13.38 14.28
CA LEU B 270 -0.16 -13.61 15.19
C LEU B 270 0.31 -13.55 16.65
N MET B 271 1.51 -14.06 16.92
CA MET B 271 2.08 -13.99 18.27
C MET B 271 2.52 -12.59 18.64
N LEU B 272 3.14 -11.88 17.71
CA LEU B 272 3.46 -10.47 17.93
C LEU B 272 2.20 -9.66 18.26
N LYS B 273 1.12 -9.90 17.53
CA LYS B 273 -0.13 -9.18 17.75
C LYS B 273 -0.73 -9.52 19.11
N LYS B 274 -0.76 -10.81 19.45
CA LYS B 274 -1.25 -11.29 20.73
C LYS B 274 -0.57 -10.58 21.91
N TYR B 275 0.75 -10.41 21.84
CA TYR B 275 1.52 -9.83 22.95
C TYR B 275 1.77 -8.32 22.79
N GLY B 276 1.11 -7.71 21.81
CA GLY B 276 1.14 -6.27 21.65
C GLY B 276 2.45 -5.67 21.14
N ILE B 277 3.24 -6.44 20.38
CA ILE B 277 4.47 -5.90 19.80
C ILE B 277 4.12 -5.21 18.48
N PRO B 278 4.37 -3.89 18.36
CA PRO B 278 4.14 -3.20 17.08
C PRO B 278 5.02 -3.75 15.95
N PHE B 279 4.42 -4.00 14.78
CA PHE B 279 5.17 -4.46 13.62
C PHE B 279 4.46 -4.10 12.33
N ASP B 280 5.20 -4.17 11.22
CA ASP B 280 4.62 -3.97 9.90
C ASP B 280 5.14 -5.08 8.99
N LYS B 281 4.53 -5.21 7.82
CA LYS B 281 5.00 -6.17 6.84
C LYS B 281 5.03 -5.57 5.44
N VAL B 282 5.88 -6.13 4.60
CA VAL B 282 6.04 -5.65 3.24
C VAL B 282 6.60 -6.76 2.34
N THR B 283 6.21 -6.74 1.07
CA THR B 283 6.73 -7.70 0.11
C THR B 283 7.61 -6.96 -0.91
N GLN B 284 8.83 -7.47 -1.04
CA GLN B 284 9.84 -6.96 -1.96
C GLN B 284 9.75 -7.76 -3.25
N GLU B 285 9.64 -7.06 -4.37
CA GLU B 285 9.58 -7.69 -5.69
C GLU B 285 10.92 -7.54 -6.42
N ALA B 286 11.12 -8.36 -7.45
CA ALA B 286 12.33 -8.28 -8.26
C ALA B 286 12.55 -6.84 -8.72
N GLY B 287 13.80 -6.38 -8.65
CA GLY B 287 14.12 -5.03 -9.07
C GLY B 287 14.04 -4.00 -7.96
N GLU B 288 13.73 -4.43 -6.74
CA GLU B 288 13.54 -3.50 -5.61
C GLU B 288 14.56 -3.67 -4.49
N PHE B 289 14.92 -2.54 -3.88
CA PHE B 289 15.78 -2.50 -2.70
C PHE B 289 14.97 -2.43 -1.42
N MET B 290 15.44 -3.16 -0.42
CA MET B 290 15.06 -2.95 0.96
C MET B 290 16.29 -2.44 1.73
N ILE B 291 16.01 -1.50 2.63
CA ILE B 291 16.98 -0.94 3.59
C ILE B 291 16.49 -1.28 5.00
N THR B 292 17.34 -1.92 5.80
CA THR B 292 17.07 -2.05 7.24
C THR B 292 17.91 -1.04 8.02
N PHE B 293 17.35 -0.53 9.12
CA PHE B 293 17.96 0.54 9.88
C PHE B 293 18.50 0.02 11.21
N PRO B 294 19.45 0.76 11.80
CA PRO B 294 20.03 0.34 13.07
C PRO B 294 19.02 -0.06 14.15
N TYR B 295 19.20 -1.29 14.64
CA TYR B 295 18.35 -1.88 15.68
C TYR B 295 16.91 -2.15 15.21
N GLY B 296 16.72 -2.28 13.90
CA GLY B 296 15.44 -2.64 13.31
C GLY B 296 15.38 -4.14 13.15
N TYR B 297 14.63 -4.78 14.04
CA TYR B 297 14.42 -6.23 13.97
C TYR B 297 13.59 -6.58 12.75
N HIS B 298 14.03 -7.61 12.06
CA HIS B 298 13.33 -8.08 10.89
C HIS B 298 13.47 -9.59 10.73
N ALA B 299 12.47 -10.15 10.06
CA ALA B 299 12.39 -11.59 9.75
C ALA B 299 11.61 -11.71 8.45
N GLY B 300 11.65 -12.89 7.82
CA GLY B 300 10.90 -13.06 6.61
C GLY B 300 11.02 -14.38 5.90
N PHE B 301 10.54 -14.42 4.67
CA PHE B 301 10.59 -15.63 3.88
C PHE B 301 10.55 -15.34 2.38
N ASN B 302 11.08 -16.29 1.62
CA ASN B 302 11.05 -16.23 0.15
C ASN B 302 9.85 -16.97 -0.40
N HIS B 303 9.24 -16.39 -1.44
CA HIS B 303 8.05 -16.96 -2.08
C HIS B 303 8.38 -18.15 -3.00
N GLY B 304 9.59 -18.15 -3.55
CA GLY B 304 9.97 -19.12 -4.57
C GLY B 304 11.37 -18.82 -5.04
N PHE B 305 11.74 -19.39 -6.18
CA PHE B 305 13.10 -19.24 -6.67
C PHE B 305 13.44 -17.77 -6.91
N ASN B 306 14.50 -17.30 -6.25
CA ASN B 306 14.94 -15.91 -6.39
C ASN B 306 16.41 -15.70 -6.05
N CYS B 307 16.90 -14.48 -6.26
CA CYS B 307 18.29 -14.14 -5.95
C CYS B 307 18.38 -12.72 -5.44
N ALA B 308 18.89 -12.57 -4.22
CA ALA B 308 19.08 -11.27 -3.57
C ALA B 308 20.55 -11.05 -3.29
N GLU B 309 20.98 -9.79 -3.33
CA GLU B 309 22.34 -9.41 -2.95
C GLU B 309 22.26 -8.47 -1.77
N SER B 310 23.18 -8.62 -0.82
CA SER B 310 23.11 -7.84 0.40
C SER B 310 24.48 -7.54 1.03
N THR B 311 24.52 -6.46 1.81
CA THR B 311 25.69 -6.10 2.63
C THR B 311 25.25 -5.12 3.73
N ASN B 312 26.14 -4.87 4.69
CA ASN B 312 25.92 -3.82 5.67
C ASN B 312 26.53 -2.48 5.25
N PHE B 313 26.03 -1.41 5.87
CA PHE B 313 26.58 -0.07 5.67
C PHE B 313 26.28 0.78 6.90
N ALA B 314 26.86 1.98 6.94
CA ALA B 314 26.69 2.87 8.10
C ALA B 314 26.35 4.30 7.69
N THR B 315 25.89 5.07 8.66
CA THR B 315 25.81 6.52 8.59
C THR B 315 26.39 7.03 9.91
N ARG B 316 26.52 8.35 10.06
CA ARG B 316 27.10 8.91 11.31
C ARG B 316 26.24 8.54 12.52
N ARG B 317 24.92 8.50 12.31
CA ARG B 317 23.96 8.08 13.34
C ARG B 317 24.21 6.66 13.87
N TRP B 318 24.74 5.78 13.02
CA TRP B 318 25.02 4.40 13.42
C TRP B 318 26.07 4.29 14.54
N ILE B 319 26.98 5.26 14.63
CA ILE B 319 28.14 5.13 15.52
C ILE B 319 27.74 4.87 16.97
N GLU B 320 26.74 5.60 17.45
CA GLU B 320 26.24 5.37 18.80
C GLU B 320 25.61 3.97 18.98
N TYR B 321 24.92 3.49 17.95
CA TYR B 321 24.40 2.10 17.93
C TYR B 321 25.53 1.07 18.00
N GLY B 322 26.59 1.29 17.22
CA GLY B 322 27.79 0.45 17.28
C GLY B 322 28.40 0.41 18.66
N LYS B 323 28.53 1.58 19.30
CA LYS B 323 29.06 1.68 20.65
C LYS B 323 28.22 0.95 21.68
N GLN B 324 26.91 0.95 21.50
CA GLN B 324 25.99 0.36 22.48
C GLN B 324 25.48 -1.03 22.12
N ALA B 325 25.77 -1.52 20.92
CA ALA B 325 25.23 -2.82 20.48
C ALA B 325 25.51 -3.93 21.51
N VAL B 326 24.51 -4.73 21.85
CA VAL B 326 24.73 -5.87 22.76
C VAL B 326 25.06 -7.09 21.92
N LEU B 327 26.27 -7.64 22.13
CA LEU B 327 26.78 -8.66 21.24
C LEU B 327 26.67 -10.06 21.83
N CYS B 328 26.72 -11.05 20.93
CA CYS B 328 26.70 -12.45 21.32
C CYS B 328 27.97 -12.79 22.09
N SER B 329 27.76 -13.28 23.31
CA SER B 329 28.82 -13.67 24.22
C SER B 329 29.32 -15.10 24.02
N CYS B 330 28.41 -16.02 23.64
CA CYS B 330 28.64 -17.45 23.82
C CYS B 330 29.37 -18.16 22.68
N ARG B 331 29.48 -17.52 21.51
CA ARG B 331 30.15 -18.15 20.36
C ARG B 331 31.47 -17.47 20.08
N LYS B 332 32.39 -18.22 19.46
CA LYS B 332 33.70 -17.70 19.07
C LYS B 332 33.65 -17.05 17.68
N ASP B 333 34.40 -15.97 17.52
CA ASP B 333 34.58 -15.31 16.21
C ASP B 333 33.28 -14.77 15.61
N MET B 334 32.39 -14.29 16.48
CA MET B 334 31.24 -13.50 16.04
C MET B 334 31.75 -12.14 15.58
N VAL B 335 30.94 -11.44 14.78
CA VAL B 335 31.35 -10.14 14.27
C VAL B 335 31.37 -9.09 15.40
N LYS B 336 32.55 -8.52 15.63
CA LYS B 336 32.74 -7.46 16.61
C LYS B 336 33.62 -6.40 15.97
N ILE B 337 33.07 -5.22 15.74
CA ILE B 337 33.82 -4.13 15.12
C ILE B 337 34.35 -3.20 16.19
N SER B 338 35.67 -2.97 16.17
CA SER B 338 36.29 -1.96 17.04
C SER B 338 35.73 -0.59 16.71
N MET B 339 35.14 0.07 17.70
CA MET B 339 34.53 1.37 17.49
C MET B 339 35.51 2.55 17.60
N ASP B 340 36.72 2.28 18.11
N ASP B 340 36.71 2.24 18.09
CA ASP B 340 37.71 3.35 18.35
CA ASP B 340 37.73 3.25 18.35
C ASP B 340 37.89 4.28 17.17
C ASP B 340 37.94 4.24 17.20
N VAL B 341 38.10 3.71 15.99
CA VAL B 341 38.35 4.52 14.79
C VAL B 341 37.20 5.50 14.49
N PHE B 342 35.96 5.07 14.76
CA PHE B 342 34.79 5.93 14.57
C PHE B 342 34.64 6.99 15.64
N VAL B 343 34.90 6.62 16.90
CA VAL B 343 34.76 7.58 18.00
C VAL B 343 35.86 8.64 17.86
N ARG B 344 37.08 8.20 17.59
CA ARG B 344 38.20 9.12 17.36
C ARG B 344 37.93 10.15 16.28
N LYS B 345 37.42 9.70 15.14
CA LYS B 345 37.21 10.59 13.99
C LYS B 345 35.98 11.49 14.12
N PHE B 346 34.87 10.89 14.56
CA PHE B 346 33.55 11.56 14.53
C PHE B 346 33.10 12.05 15.89
N GLN B 347 33.69 11.53 16.97
CA GLN B 347 33.38 11.99 18.33
C GLN B 347 34.64 12.28 19.14
N PRO B 348 35.57 13.08 18.59
CA PRO B 348 36.84 13.23 19.28
C PRO B 348 36.70 13.83 20.68
N GLU B 349 35.70 14.68 20.87
CA GLU B 349 35.48 15.34 22.16
C GLU B 349 34.91 14.38 23.23
N ARG B 350 34.41 13.23 22.78
CA ARG B 350 33.83 12.21 23.68
CA ARG B 350 33.85 12.23 23.70
C ARG B 350 34.74 11.00 23.84
N TYR B 351 35.84 10.96 23.10
CA TYR B 351 36.71 9.78 23.04
C TYR B 351 37.30 9.38 24.39
N LYS B 352 37.81 10.37 25.12
CA LYS B 352 38.40 10.11 26.43
C LYS B 352 37.35 9.58 27.42
N LEU B 353 36.21 10.24 27.46
CA LEU B 353 35.07 9.82 28.31
C LEU B 353 34.61 8.40 27.97
N TRP B 354 34.46 8.13 26.68
CA TRP B 354 34.05 6.82 26.21
C TRP B 354 35.04 5.71 26.57
N LYS B 355 36.32 6.02 26.39
CA LYS B 355 37.39 5.08 26.69
C LYS B 355 37.42 4.73 28.19
N ALA B 356 37.00 5.69 29.02
CA ALA B 356 36.89 5.49 30.48
C ALA B 356 35.58 4.81 30.93
N GLY B 357 34.68 4.54 29.97
CA GLY B 357 33.41 3.86 30.27
C GLY B 357 32.34 4.77 30.85
N LYS B 358 32.47 6.08 30.60
CA LYS B 358 31.59 7.08 31.20
C LYS B 358 30.75 7.84 30.16
N ASP B 359 30.66 7.33 28.94
CA ASP B 359 29.80 7.92 27.92
C ASP B 359 28.38 7.37 28.11
N ASN B 360 27.53 8.20 28.70
CA ASN B 360 26.19 7.81 29.13
C ASN B 360 25.08 8.18 28.13
N THR B 361 25.47 8.49 26.90
CA THR B 361 24.55 8.83 25.81
C THR B 361 23.37 7.86 25.69
N VAL B 362 22.17 8.43 25.64
CA VAL B 362 20.95 7.66 25.38
C VAL B 362 20.51 7.88 23.94
N ILE B 363 20.31 6.79 23.20
CA ILE B 363 19.87 6.87 21.82
C ILE B 363 18.38 7.18 21.70
N ASP B 364 18.05 8.16 20.87
CA ASP B 364 16.68 8.47 20.48
C ASP B 364 16.47 7.90 19.08
N HIS B 365 15.71 6.82 18.98
CA HIS B 365 15.48 6.10 17.71
C HIS B 365 14.63 6.88 16.70
N THR B 366 14.00 7.98 17.14
CA THR B 366 13.18 8.80 16.24
C THR B 366 14.01 9.79 15.44
N LEU B 367 15.22 10.09 15.89
CA LEU B 367 16.03 11.13 15.27
C LEU B 367 16.69 10.65 13.98
N PRO B 368 16.64 11.47 12.93
CA PRO B 368 17.38 11.15 11.73
C PRO B 368 18.88 11.38 11.90
N THR B 369 19.63 10.83 10.96
CA THR B 369 21.06 11.02 10.93
C THR B 369 21.34 12.50 10.61
N PRO B 370 22.40 13.09 11.19
CA PRO B 370 22.66 14.53 11.02
C PRO B 370 22.82 14.97 9.56
N GLU B 371 23.30 14.07 8.70
CA GLU B 371 23.41 14.33 7.25
C GLU B 371 22.06 14.67 6.61
N ALA B 372 20.96 14.35 7.30
CA ALA B 372 19.61 14.74 6.86
C ALA B 372 19.30 16.24 7.07
N ALA B 373 20.14 16.96 7.81
CA ALA B 373 19.90 18.38 8.12
C ALA B 373 19.74 19.25 6.87
N GLU B 374 20.45 18.85 5.82
CA GLU B 374 20.30 19.41 4.47
C GLU B 374 18.84 19.56 4.02
N PHE B 375 18.03 18.54 4.29
CA PHE B 375 16.63 18.49 3.83
C PHE B 375 15.62 19.02 4.85
N LEU B 376 16.02 19.09 6.12
CA LEU B 376 15.09 19.47 7.21
C LEU B 376 15.07 20.98 7.44
N ALA C 1 -33.26 8.82 5.13
CA ALA C 1 -31.82 9.10 4.82
C ALA C 1 -31.64 9.48 3.34
N ARG C 2 -30.51 10.11 3.05
CA ARG C 2 -30.10 10.40 1.68
C ARG C 2 -28.58 10.36 1.53
N MLY C 3 -28.14 10.20 0.30
CA MLY C 3 -26.74 10.31 -0.03
CA MLY C 3 -26.73 10.31 -0.05
CB MLY C 3 -26.59 9.89 -1.47
CB MLY C 3 -26.58 9.90 -1.50
CG MLY C 3 -25.17 9.80 -1.99
CG MLY C 3 -25.16 9.75 -2.02
CD MLY C 3 -25.24 10.01 -3.49
CD MLY C 3 -25.21 9.55 -3.53
CE MLY C 3 -24.17 9.22 -4.20
CE MLY C 3 -23.84 9.28 -4.14
NZ MLY C 3 -24.31 9.26 -5.67
NZ MLY C 3 -23.97 9.12 -5.61
CH1 MLY C 3 -25.47 10.05 -6.12
CH1 MLY C 3 -23.90 7.69 -5.96
CH2 MLY C 3 -24.36 7.88 -6.17
CH2 MLY C 3 -22.85 9.81 -6.27
C MLY C 3 -26.23 11.72 0.14
O MLY C 3 -26.95 12.70 -0.15
N SER C 4 -24.98 11.86 0.60
CA SER C 4 -24.34 13.16 0.78
C SER C 4 -22.92 13.20 0.20
N THR C 5 -22.53 14.36 -0.34
CA THR C 5 -21.16 14.57 -0.82
C THR C 5 -20.15 14.53 0.31
N GLY C 6 -20.56 14.95 1.48
CA GLY C 6 -19.69 14.96 2.65
C GLY C 6 -20.27 15.83 3.73
N GLY C 7 -19.66 15.74 4.92
CA GLY C 7 -20.16 16.44 6.08
C GLY C 7 -19.26 17.56 6.54
OH ALY C 8 -23.55 23.14 6.76
CH ALY C 8 -23.51 23.86 7.76
CH3 ALY C 8 -24.00 25.32 7.68
NZ ALY C 8 -23.06 23.43 8.95
CE ALY C 8 -22.57 22.05 9.16
CD ALY C 8 -21.10 21.94 8.73
CG ALY C 8 -20.61 20.49 8.85
CB ALY C 8 -19.17 20.34 8.31
CA ALY C 8 -18.62 18.92 8.49
N ALY C 8 -19.47 17.97 7.78
C ALY C 8 -18.60 18.52 9.99
O ALY C 8 -19.12 17.46 10.40
OXT ALY C 8 -18.09 19.27 10.83
N ALA D 1 36.32 -12.73 11.00
CA ALA D 1 34.90 -13.14 11.26
C ALA D 1 34.05 -12.93 10.00
N ARG D 2 32.85 -13.50 9.99
CA ARG D 2 31.93 -13.29 8.87
C ARG D 2 30.45 -13.26 9.29
N MLY D 3 29.65 -12.62 8.44
CA MLY D 3 28.20 -12.68 8.57
CB MLY D 3 27.64 -11.65 7.61
CG MLY D 3 26.12 -11.48 7.65
CD MLY D 3 25.75 -10.33 6.70
CE MLY D 3 24.33 -10.39 6.17
NZ MLY D 3 24.08 -9.40 5.10
CH1 MLY D 3 24.88 -9.65 3.85
CH2 MLY D 3 24.25 -8.02 5.59
C MLY D 3 27.69 -14.08 8.26
O MLY D 3 28.24 -14.79 7.41
N SER D 4 26.63 -14.49 8.98
CA SER D 4 25.95 -15.77 8.72
C SER D 4 24.42 -15.65 8.80
N THR D 5 23.71 -16.51 8.04
CA THR D 5 22.22 -16.53 8.00
C THR D 5 21.58 -17.14 9.24
N GLY D 6 22.36 -17.97 9.94
CA GLY D 6 21.89 -18.64 11.15
C GLY D 6 22.65 -19.93 11.39
N GLY D 7 22.57 -20.44 12.61
CA GLY D 7 23.27 -21.66 12.98
C GLY D 7 22.36 -22.84 13.17
OH ALY D 8 25.79 -27.58 9.21
CH ALY D 8 25.90 -28.73 9.62
CH3 ALY D 8 26.08 -29.89 8.64
NZ ALY D 8 25.88 -29.04 10.92
CE ALY D 8 25.71 -28.01 11.98
CD ALY D 8 24.22 -27.79 12.24
CG ALY D 8 23.97 -26.67 13.26
CB ALY D 8 22.48 -26.26 13.26
CA ALY D 8 22.17 -25.07 14.19
N ALY D 8 22.92 -23.89 13.76
C ALY D 8 22.58 -25.38 15.65
O ALY D 8 23.33 -24.61 16.28
OXT ALY D 8 22.19 -26.40 16.24
NI NI E . -18.69 7.86 -5.18
ZN ZN F . -19.44 7.80 11.66
CL CL G . -7.55 12.13 14.31
C1 OGA H . -19.49 8.88 -7.76
C2 OGA H . -18.81 10.05 -7.03
C4 OGA H . -18.18 12.39 -6.81
C5 OGA H . -18.43 13.73 -7.50
O1 OGA H . -20.02 9.11 -8.87
O2 OGA H . -19.46 7.75 -7.20
O2' OGA H . -18.32 9.82 -5.93
O3 OGA H . -18.42 14.74 -6.76
N1 OGA H . -18.81 11.27 -7.54
O4 OGA H . -18.62 13.72 -8.72
NI NI I . 19.18 -8.66 8.13
ZN ZN J . 25.36 -16.18 21.72
C1 OGA K . 18.97 -8.33 5.22
C2 OGA K . 18.44 -9.74 5.50
C4 OGA K . 17.66 -11.90 4.77
C5 OGA K . 17.58 -12.78 3.53
O1 OGA K . 19.14 -7.97 4.03
O2 OGA K . 19.23 -7.63 6.23
O2' OGA K . 18.29 -10.09 6.67
O3 OGA K . 17.71 -14.01 3.72
N1 OGA K . 18.16 -10.55 4.50
O4 OGA K . 17.36 -12.22 2.42
#